data_1JK9
#
_entry.id   1JK9
#
_cell.length_a   104.090
_cell.length_b   104.090
_cell.length_c   233.710
_cell.angle_alpha   90.00
_cell.angle_beta   90.00
_cell.angle_gamma   120.00
#
_symmetry.space_group_name_H-M   'P 32 2 1'
#
loop_
_entity.id
_entity.type
_entity.pdbx_description
1 polymer 'superoxide dismutase'
2 polymer 'copper chaperone for superoxide dismutase'
3 non-polymer 'ZINC ION'
4 non-polymer 'SULFATE ION'
5 water water
#
loop_
_entity_poly.entity_id
_entity_poly.type
_entity_poly.pdbx_seq_one_letter_code
_entity_poly.pdbx_strand_id
1 'polypeptide(L)'
;VQAVAVLKGDAGVSGVVKFEQASESEPTTVSYEIAGNSPNAERGFHIFEFGDATNGCVSAGPHFNPFKKTHGAPTDEVRH
VGDMGNVKTDENGVAKGSFKDSLIKLIGPTSVVGRSVVIHAGQDDLGKGDTEESLKTGNAGPRPACGVIGLTN
;
A,C
2 'polypeptide(L)'
;MTTNDTYEATYAIPMHCENCVNDIKACLKNVPGINSLNFDIEQQIMSVESSVAPSTIINTLRNCGKDAIIRGAGKPNSSA
VAILETFQKYTIDQKKDTAVRGLARIVQVGENKTLFDITVNGVPEAGNYHASIHEKGDVSKGVESTGKVWHKFDEPIECF
NESDLGKNLYSGKTFLSAPLPTWQLIGRSFVISKSLNHPENEPSSVKDYSFLGVIARSAGVWENNKQVCACTGKTVWEER
KDALANNIK
;
B,D
#
loop_
_chem_comp.id
_chem_comp.type
_chem_comp.name
_chem_comp.formula
SO4 non-polymer 'SULFATE ION' 'O4 S -2'
ZN non-polymer 'ZINC ION' 'Zn 2'
#
# COMPACT_ATOMS: atom_id res chain seq x y z
N VAL A 1 18.54 -26.01 -18.99
CA VAL A 1 18.21 -24.56 -19.02
C VAL A 1 18.31 -23.94 -17.62
N GLN A 2 19.08 -22.86 -17.53
CA GLN A 2 19.26 -22.18 -16.25
C GLN A 2 18.77 -20.74 -16.30
N ALA A 3 18.15 -20.30 -15.22
CA ALA A 3 17.65 -18.94 -15.14
C ALA A 3 18.09 -18.37 -13.79
N VAL A 4 17.90 -17.07 -13.62
CA VAL A 4 18.27 -16.41 -12.37
C VAL A 4 17.60 -15.06 -12.26
N ALA A 5 17.23 -14.70 -11.04
CA ALA A 5 16.57 -13.42 -10.80
C ALA A 5 17.32 -12.74 -9.68
N VAL A 6 17.57 -11.44 -9.82
CA VAL A 6 18.27 -10.69 -8.78
C VAL A 6 17.27 -9.80 -8.06
N LEU A 7 17.06 -10.02 -6.77
CA LEU A 7 16.10 -9.22 -6.01
C LEU A 7 16.67 -7.92 -5.45
N LYS A 8 16.09 -6.79 -5.87
CA LYS A 8 16.49 -5.46 -5.42
C LYS A 8 15.25 -4.76 -4.89
N GLY A 9 15.46 -3.60 -4.27
CA GLY A 9 14.33 -2.87 -3.74
C GLY A 9 14.81 -1.92 -2.68
N ASP A 10 14.21 -0.74 -2.65
CA ASP A 10 14.56 0.30 -1.67
C ASP A 10 14.18 -0.09 -0.23
N ALA A 11 14.24 -1.36 0.11
CA ALA A 11 13.86 -1.77 1.47
C ALA A 11 14.98 -2.41 2.27
N GLY A 12 16.17 -2.50 1.69
CA GLY A 12 17.26 -3.10 2.43
C GLY A 12 17.24 -4.62 2.34
N VAL A 13 16.29 -5.14 1.57
CA VAL A 13 16.18 -6.56 1.38
C VAL A 13 16.72 -6.78 -0.02
N SER A 14 17.48 -7.85 -0.22
CA SER A 14 18.06 -8.13 -1.53
C SER A 14 18.51 -9.58 -1.60
N GLY A 15 18.78 -10.07 -2.81
CA GLY A 15 19.21 -11.45 -2.93
C GLY A 15 19.17 -11.99 -4.35
N VAL A 16 19.48 -13.28 -4.49
CA VAL A 16 19.47 -13.90 -5.81
C VAL A 16 18.77 -15.26 -5.77
N VAL A 17 18.04 -15.55 -6.85
CA VAL A 17 17.28 -16.78 -7.00
C VAL A 17 17.69 -17.49 -8.28
N LYS A 18 18.02 -18.78 -8.18
CA LYS A 18 18.42 -19.53 -9.36
C LYS A 18 17.45 -20.65 -9.72
N PHE A 19 17.32 -20.90 -11.01
CA PHE A 19 16.44 -21.96 -11.52
C PHE A 19 17.21 -22.91 -12.46
N GLU A 20 16.97 -24.20 -12.29
CA GLU A 20 17.61 -25.25 -13.09
C GLU A 20 16.55 -26.22 -13.57
N GLN A 21 16.55 -26.53 -14.86
CA GLN A 21 15.58 -27.47 -15.41
C GLN A 21 16.14 -28.11 -16.67
N ALA A 22 16.37 -29.42 -16.62
CA ALA A 22 16.92 -30.15 -17.75
C ALA A 22 15.95 -30.30 -18.94
N SER A 23 14.69 -30.62 -18.66
CA SER A 23 13.70 -30.79 -19.74
C SER A 23 12.34 -30.32 -19.27
N GLU A 24 11.52 -29.89 -20.21
CA GLU A 24 10.19 -29.40 -19.86
C GLU A 24 9.43 -30.29 -18.89
N SER A 25 9.47 -31.60 -19.13
CA SER A 25 8.77 -32.55 -18.29
C SER A 25 9.33 -32.64 -16.87
N GLU A 26 10.65 -32.78 -16.75
CA GLU A 26 11.27 -32.88 -15.44
C GLU A 26 10.97 -31.65 -14.59
N PRO A 27 11.15 -31.74 -13.27
CA PRO A 27 10.88 -30.60 -12.39
C PRO A 27 12.00 -29.56 -12.37
N THR A 28 11.63 -28.32 -12.07
CA THR A 28 12.56 -27.21 -12.00
C THR A 28 13.10 -27.15 -10.58
N THR A 29 14.37 -26.88 -10.43
CA THR A 29 14.96 -26.80 -9.10
C THR A 29 15.20 -25.33 -8.74
N VAL A 30 14.51 -24.86 -7.71
CA VAL A 30 14.67 -23.48 -7.26
C VAL A 30 15.67 -23.39 -6.13
N SER A 31 16.56 -22.42 -6.23
CA SER A 31 17.58 -22.22 -5.22
C SER A 31 17.54 -20.73 -4.87
N TYR A 32 17.69 -20.38 -3.60
CA TYR A 32 17.63 -18.98 -3.22
C TYR A 32 18.37 -18.56 -1.95
N GLU A 33 18.69 -17.28 -1.87
CA GLU A 33 19.39 -16.70 -0.73
C GLU A 33 19.00 -15.23 -0.68
N ILE A 34 18.42 -14.80 0.43
CA ILE A 34 17.96 -13.42 0.54
C ILE A 34 18.24 -12.82 1.93
N ALA A 35 18.92 -11.68 1.95
CA ALA A 35 19.23 -10.99 3.20
C ALA A 35 18.35 -9.74 3.34
N GLY A 36 18.44 -9.06 4.47
CA GLY A 36 17.63 -7.85 4.68
C GLY A 36 16.28 -8.12 5.30
N ASN A 37 15.84 -9.37 5.27
CA ASN A 37 14.55 -9.76 5.82
C ASN A 37 14.49 -9.68 7.35
N SER A 38 13.27 -9.65 7.90
CA SER A 38 13.08 -9.62 9.35
C SER A 38 13.73 -10.89 9.89
N PRO A 39 14.26 -10.83 11.11
CA PRO A 39 14.90 -12.02 11.68
C PRO A 39 13.88 -13.08 12.14
N ASN A 40 14.26 -14.35 12.06
CA ASN A 40 13.41 -15.45 12.47
C ASN A 40 11.96 -15.29 12.08
N ALA A 41 11.67 -15.31 10.79
CA ALA A 41 10.30 -15.15 10.32
C ALA A 41 10.07 -15.82 8.97
N GLU A 42 8.80 -15.85 8.53
CA GLU A 42 8.44 -16.44 7.25
C GLU A 42 7.95 -15.34 6.32
N ARG A 43 8.39 -15.38 5.07
CA ARG A 43 8.00 -14.37 4.11
C ARG A 43 7.47 -14.98 2.81
N GLY A 44 6.35 -14.45 2.32
CA GLY A 44 5.77 -14.94 1.07
C GLY A 44 6.82 -15.01 -0.02
N PHE A 45 6.56 -15.73 -1.10
CA PHE A 45 7.55 -15.88 -2.17
C PHE A 45 6.84 -16.31 -3.44
N HIS A 46 6.39 -15.32 -4.22
CA HIS A 46 5.64 -15.61 -5.43
C HIS A 46 6.28 -15.18 -6.76
N ILE A 47 5.77 -15.77 -7.83
CA ILE A 47 6.21 -15.46 -9.19
C ILE A 47 5.01 -14.81 -9.86
N PHE A 48 5.13 -13.51 -10.16
CA PHE A 48 4.07 -12.76 -10.81
C PHE A 48 4.03 -13.01 -12.32
N GLU A 49 2.83 -12.90 -12.89
CA GLU A 49 2.64 -13.13 -14.30
C GLU A 49 3.56 -12.35 -15.24
N PHE A 50 3.82 -11.09 -14.92
CA PHE A 50 4.69 -10.29 -15.77
C PHE A 50 5.96 -9.88 -15.05
N GLY A 51 6.95 -9.45 -15.83
CA GLY A 51 8.19 -9.00 -15.24
C GLY A 51 8.21 -7.48 -15.30
N ASP A 52 7.31 -6.93 -16.11
CA ASP A 52 7.18 -5.49 -16.30
C ASP A 52 6.92 -4.76 -15.00
N ALA A 53 7.85 -3.89 -14.62
CA ALA A 53 7.72 -3.11 -13.40
C ALA A 53 7.61 -1.64 -13.73
N THR A 54 7.27 -1.32 -14.98
CA THR A 54 7.15 0.06 -15.39
C THR A 54 6.11 0.78 -14.54
N ASN A 55 5.41 0.02 -13.70
CA ASN A 55 4.42 0.61 -12.81
C ASN A 55 4.28 -0.22 -11.56
N GLY A 56 5.41 -0.78 -11.13
CA GLY A 56 5.43 -1.58 -9.93
C GLY A 56 4.46 -2.74 -9.90
N CYS A 57 4.14 -3.18 -8.69
CA CYS A 57 3.23 -4.28 -8.47
C CYS A 57 2.13 -4.37 -9.55
N VAL A 58 1.51 -3.23 -9.87
CA VAL A 58 0.42 -3.18 -10.82
C VAL A 58 0.72 -3.72 -12.20
N SER A 59 1.84 -3.28 -12.79
CA SER A 59 2.19 -3.74 -14.12
C SER A 59 2.63 -5.20 -14.10
N ALA A 60 2.98 -5.70 -12.92
CA ALA A 60 3.42 -7.08 -12.80
C ALA A 60 2.28 -8.07 -12.90
N GLY A 61 1.06 -7.58 -12.67
CA GLY A 61 -0.09 -8.47 -12.75
C GLY A 61 -0.19 -9.31 -11.50
N PRO A 62 -1.07 -10.33 -11.48
CA PRO A 62 -1.27 -11.23 -10.33
C PRO A 62 -0.24 -12.35 -10.32
N HIS A 63 -0.45 -13.33 -9.44
CA HIS A 63 0.46 -14.45 -9.38
C HIS A 63 0.33 -15.23 -10.68
N PHE A 64 1.46 -15.60 -11.28
CA PHE A 64 1.45 -16.34 -12.53
C PHE A 64 0.53 -17.56 -12.38
N ASN A 65 -0.65 -17.47 -12.95
CA ASN A 65 -1.63 -18.54 -12.83
C ASN A 65 -2.11 -19.05 -14.20
N PRO A 66 -1.21 -19.68 -14.96
CA PRO A 66 -1.58 -20.19 -16.27
C PRO A 66 -2.73 -21.18 -16.29
N PHE A 67 -2.97 -21.89 -15.19
CA PHE A 67 -4.06 -22.87 -15.16
C PHE A 67 -5.32 -22.43 -14.43
N LYS A 68 -5.55 -21.13 -14.39
CA LYS A 68 -6.74 -20.55 -13.78
C LYS A 68 -7.22 -21.20 -12.47
N LYS A 69 -6.38 -21.24 -11.45
CA LYS A 69 -6.80 -21.82 -10.18
C LYS A 69 -6.71 -20.78 -9.07
N THR A 70 -6.97 -21.17 -7.82
CA THR A 70 -6.89 -20.21 -6.71
C THR A 70 -5.55 -20.28 -5.97
N HIS A 71 -5.31 -19.31 -5.08
CA HIS A 71 -4.06 -19.26 -4.34
C HIS A 71 -3.95 -20.45 -3.39
N GLY A 72 -2.74 -20.97 -3.24
CA GLY A 72 -2.51 -22.10 -2.38
C GLY A 72 -1.07 -22.29 -1.98
N ALA A 73 -0.78 -23.40 -1.30
CA ALA A 73 0.58 -23.68 -0.87
C ALA A 73 1.24 -24.56 -1.91
N PRO A 74 2.58 -24.59 -1.93
CA PRO A 74 3.34 -25.40 -2.89
C PRO A 74 2.94 -26.87 -2.77
N THR A 75 2.50 -27.25 -1.57
CA THR A 75 2.06 -28.61 -1.29
C THR A 75 0.73 -28.91 -1.98
N ASP A 76 -0.26 -28.05 -1.76
CA ASP A 76 -1.61 -28.21 -2.32
C ASP A 76 -1.67 -28.42 -3.84
N GLU A 77 -2.70 -29.12 -4.30
CA GLU A 77 -2.89 -29.35 -5.72
C GLU A 77 -3.38 -28.08 -6.40
N VAL A 78 -4.36 -27.44 -5.76
CA VAL A 78 -4.92 -26.20 -6.28
C VAL A 78 -4.04 -25.03 -5.88
N ARG A 79 -3.32 -24.50 -6.85
CA ARG A 79 -2.42 -23.39 -6.61
C ARG A 79 -2.03 -22.74 -7.92
N HIS A 80 -1.61 -21.48 -7.83
CA HIS A 80 -1.13 -20.71 -8.98
C HIS A 80 0.25 -21.36 -9.18
N VAL A 81 0.75 -21.46 -10.41
CA VAL A 81 2.04 -22.11 -10.58
C VAL A 81 3.14 -21.26 -9.95
N GLY A 82 2.82 -20.00 -9.71
CA GLY A 82 3.80 -19.11 -9.13
C GLY A 82 3.76 -19.03 -7.62
N ASP A 83 3.16 -20.03 -6.97
CA ASP A 83 3.07 -20.02 -5.52
C ASP A 83 4.19 -20.83 -4.89
N MET A 84 5.22 -20.13 -4.42
CA MET A 84 6.35 -20.81 -3.79
C MET A 84 6.25 -20.74 -2.28
N GLY A 85 5.07 -20.42 -1.78
CA GLY A 85 4.85 -20.36 -0.34
C GLY A 85 5.66 -19.37 0.48
N ASN A 86 6.25 -19.86 1.58
CA ASN A 86 7.05 -19.01 2.46
C ASN A 86 8.49 -19.49 2.57
N VAL A 87 9.41 -18.55 2.76
CA VAL A 87 10.81 -18.88 2.96
C VAL A 87 11.04 -18.48 4.40
N LYS A 88 11.80 -19.30 5.14
CA LYS A 88 12.09 -19.02 6.53
C LYS A 88 13.35 -18.16 6.60
N THR A 89 13.50 -17.38 7.66
CA THR A 89 14.71 -16.54 7.83
C THR A 89 15.36 -16.76 9.19
N ASP A 90 16.69 -16.87 9.20
CA ASP A 90 17.43 -17.08 10.44
C ASP A 90 17.43 -15.85 11.36
N GLU A 91 18.35 -15.84 12.32
CA GLU A 91 18.46 -14.73 13.27
C GLU A 91 19.12 -13.50 12.66
N ASN A 92 19.55 -13.63 11.41
CA ASN A 92 20.19 -12.53 10.70
C ASN A 92 19.36 -12.05 9.52
N GLY A 93 18.09 -12.44 9.52
CA GLY A 93 17.20 -12.04 8.45
C GLY A 93 17.58 -12.61 7.10
N VAL A 94 18.35 -13.69 7.10
CA VAL A 94 18.75 -14.29 5.84
C VAL A 94 18.00 -15.57 5.55
N ALA A 95 17.35 -15.61 4.39
CA ALA A 95 16.60 -16.80 3.97
C ALA A 95 17.49 -17.51 2.97
N LYS A 96 17.80 -18.78 3.25
CA LYS A 96 18.64 -19.55 2.35
C LYS A 96 18.15 -20.98 2.25
N GLY A 97 17.76 -21.37 1.05
CA GLY A 97 17.27 -22.73 0.84
C GLY A 97 17.00 -23.05 -0.61
N SER A 98 16.42 -24.22 -0.86
CA SER A 98 16.09 -24.64 -2.21
C SER A 98 14.94 -25.64 -2.17
N PHE A 99 14.40 -25.97 -3.32
CA PHE A 99 13.29 -26.90 -3.41
C PHE A 99 13.04 -27.22 -4.88
N LYS A 100 12.26 -28.26 -5.14
CA LYS A 100 11.92 -28.62 -6.51
C LYS A 100 10.43 -28.44 -6.70
N ASP A 101 10.03 -28.10 -7.92
CA ASP A 101 8.62 -27.92 -8.18
C ASP A 101 8.33 -28.51 -9.54
N SER A 102 7.12 -29.02 -9.71
CA SER A 102 6.77 -29.63 -10.96
C SER A 102 5.94 -28.73 -11.85
N LEU A 103 5.39 -27.65 -11.27
CA LEU A 103 4.57 -26.71 -12.03
C LEU A 103 5.43 -25.60 -12.63
N ILE A 104 6.40 -25.12 -11.87
CA ILE A 104 7.30 -24.06 -12.34
C ILE A 104 8.23 -24.65 -13.40
N LYS A 105 8.30 -23.99 -14.55
CA LYS A 105 9.15 -24.45 -15.65
C LYS A 105 9.92 -23.35 -16.39
N LEU A 106 11.12 -23.66 -16.83
CA LEU A 106 11.93 -22.72 -17.59
C LEU A 106 11.76 -23.03 -19.08
N ILE A 107 10.90 -24.00 -19.38
CA ILE A 107 10.67 -24.41 -20.77
C ILE A 107 9.21 -24.62 -21.12
N GLY A 108 8.86 -24.32 -22.37
CA GLY A 108 7.50 -24.51 -22.81
C GLY A 108 6.56 -23.36 -22.56
N PRO A 109 5.32 -23.47 -23.05
CA PRO A 109 4.23 -22.48 -22.93
C PRO A 109 3.94 -21.92 -21.54
N THR A 110 4.55 -22.49 -20.50
CA THR A 110 4.32 -21.97 -19.15
C THR A 110 5.61 -21.47 -18.54
N SER A 111 6.64 -21.33 -19.37
CA SER A 111 7.95 -20.85 -18.92
C SER A 111 7.78 -19.58 -18.12
N VAL A 112 8.52 -19.49 -17.01
CA VAL A 112 8.48 -18.30 -16.17
C VAL A 112 9.62 -17.35 -16.49
N VAL A 113 10.37 -17.64 -17.55
CA VAL A 113 11.45 -16.76 -17.93
C VAL A 113 10.83 -15.44 -18.40
N GLY A 114 11.26 -14.33 -17.81
CA GLY A 114 10.72 -13.05 -18.21
C GLY A 114 9.66 -12.51 -17.27
N ARG A 115 9.22 -13.35 -16.34
CA ARG A 115 8.22 -12.95 -15.36
C ARG A 115 9.01 -12.57 -14.10
N SER A 116 8.38 -11.92 -13.13
CA SER A 116 9.15 -11.52 -11.96
C SER A 116 8.96 -12.38 -10.72
N VAL A 117 9.98 -12.36 -9.87
CA VAL A 117 9.98 -13.08 -8.60
C VAL A 117 9.92 -12.02 -7.51
N VAL A 118 9.08 -12.22 -6.50
CA VAL A 118 8.97 -11.24 -5.44
C VAL A 118 8.96 -11.93 -4.10
N ILE A 119 9.39 -11.20 -3.08
CA ILE A 119 9.41 -11.70 -1.72
C ILE A 119 8.67 -10.62 -0.95
N HIS A 120 7.70 -11.02 -0.15
CA HIS A 120 6.92 -10.03 0.59
C HIS A 120 7.45 -9.67 1.96
N ALA A 121 6.74 -8.76 2.61
CA ALA A 121 7.10 -8.29 3.93
C ALA A 121 6.35 -9.09 4.97
N GLY A 122 5.39 -9.90 4.53
CA GLY A 122 4.61 -10.69 5.45
C GLY A 122 4.57 -12.17 5.11
N GLN A 123 3.90 -12.93 5.96
CA GLN A 123 3.77 -14.36 5.76
C GLN A 123 2.56 -14.66 4.87
N ASP A 124 2.75 -15.59 3.94
CA ASP A 124 1.72 -16.02 2.99
C ASP A 124 0.79 -17.00 3.71
N ASP A 125 -0.51 -16.71 3.80
CA ASP A 125 -1.42 -17.63 4.49
C ASP A 125 -1.79 -18.88 3.68
N LEU A 126 -1.06 -19.08 2.59
CA LEU A 126 -1.25 -20.23 1.71
C LEU A 126 -2.67 -20.53 1.25
N GLY A 127 -3.54 -19.53 1.31
CA GLY A 127 -4.91 -19.73 0.88
C GLY A 127 -5.76 -20.45 1.90
N LYS A 128 -5.18 -20.76 3.06
CA LYS A 128 -5.89 -21.47 4.11
C LYS A 128 -6.67 -20.50 5.01
N GLY A 129 -6.85 -19.28 4.52
CA GLY A 129 -7.58 -18.29 5.29
C GLY A 129 -9.06 -18.25 4.96
N ASP A 130 -9.74 -17.24 5.49
CA ASP A 130 -11.17 -17.07 5.28
C ASP A 130 -11.39 -16.39 3.93
N THR A 131 -11.24 -15.07 3.98
CA THR A 131 -11.41 -14.16 2.85
C THR A 131 -11.10 -14.66 1.45
N GLU A 132 -11.71 -13.96 0.49
CA GLU A 132 -11.52 -14.24 -0.92
C GLU A 132 -10.05 -13.86 -1.10
N GLU A 133 -9.68 -12.77 -0.45
CA GLU A 133 -8.33 -12.24 -0.45
C GLU A 133 -7.32 -13.37 -0.29
N SER A 134 -7.51 -14.19 0.73
CA SER A 134 -6.62 -15.30 1.00
C SER A 134 -6.44 -16.21 -0.20
N LEU A 135 -7.51 -16.37 -0.99
CA LEU A 135 -7.48 -17.23 -2.16
C LEU A 135 -6.96 -16.52 -3.41
N LYS A 136 -6.45 -15.30 -3.21
CA LYS A 136 -5.90 -14.49 -4.30
C LYS A 136 -4.40 -14.24 -4.10
N THR A 137 -4.05 -13.46 -3.08
CA THR A 137 -2.66 -13.14 -2.80
C THR A 137 -2.11 -13.88 -1.58
N GLY A 138 -3.00 -14.26 -0.67
CA GLY A 138 -2.57 -14.97 0.51
C GLY A 138 -2.17 -14.05 1.64
N ASN A 139 -2.45 -12.76 1.49
CA ASN A 139 -2.14 -11.77 2.53
C ASN A 139 -0.68 -11.61 2.91
N ALA A 140 0.24 -11.69 1.96
CA ALA A 140 1.64 -11.54 2.31
C ALA A 140 2.00 -10.06 2.42
N GLY A 141 1.01 -9.19 2.27
CA GLY A 141 1.25 -7.76 2.37
C GLY A 141 2.22 -7.20 1.35
N PRO A 142 2.89 -6.07 1.66
CA PRO A 142 3.86 -5.37 0.83
C PRO A 142 4.94 -6.29 0.25
N ARG A 143 5.64 -5.84 -0.79
CA ARG A 143 6.71 -6.64 -1.38
C ARG A 143 8.00 -5.82 -1.52
N PRO A 144 8.88 -5.89 -0.49
CA PRO A 144 10.18 -5.21 -0.37
C PRO A 144 11.27 -5.37 -1.43
N ALA A 145 11.15 -6.39 -2.28
CA ALA A 145 12.18 -6.61 -3.29
C ALA A 145 11.71 -7.63 -4.30
N CYS A 146 12.08 -7.43 -5.56
CA CYS A 146 11.69 -8.36 -6.61
C CYS A 146 12.76 -8.43 -7.69
N GLY A 147 12.44 -9.13 -8.78
CA GLY A 147 13.39 -9.27 -9.88
C GLY A 147 12.82 -10.05 -11.05
N VAL A 148 13.41 -9.86 -12.22
CA VAL A 148 12.99 -10.56 -13.43
C VAL A 148 13.82 -11.83 -13.63
N ILE A 149 13.15 -12.91 -13.99
CA ILE A 149 13.83 -14.17 -14.21
C ILE A 149 14.48 -14.12 -15.57
N GLY A 150 15.80 -14.22 -15.60
CA GLY A 150 16.53 -14.18 -16.86
C GLY A 150 17.41 -15.38 -17.15
N LEU A 151 17.59 -15.66 -18.44
CA LEU A 151 18.43 -16.76 -18.88
C LEU A 151 19.86 -16.55 -18.45
N THR A 152 20.55 -17.63 -18.14
CA THR A 152 21.94 -17.54 -17.73
C THR A 152 22.69 -18.85 -17.82
N ASN A 153 23.91 -18.80 -17.29
CA ASN A 153 24.88 -19.89 -17.22
C ASN A 153 26.21 -19.40 -17.76
N THR B 3 2.85 -0.24 -44.59
CA THR B 3 3.13 0.10 -43.16
C THR B 3 2.48 -0.91 -42.21
N ASN B 4 3.03 -2.12 -42.20
CA ASN B 4 2.54 -3.20 -41.34
C ASN B 4 2.91 -2.97 -39.89
N ASP B 5 4.02 -2.27 -39.66
CA ASP B 5 4.50 -2.00 -38.32
C ASP B 5 3.52 -1.29 -37.38
N THR B 6 2.28 -1.74 -37.37
CA THR B 6 1.29 -1.17 -36.50
C THR B 6 1.04 -2.16 -35.37
N TYR B 7 0.70 -1.65 -34.21
CA TYR B 7 0.43 -2.47 -33.05
C TYR B 7 -0.65 -1.75 -32.28
N GLU B 8 -1.44 -2.50 -31.54
CA GLU B 8 -2.50 -1.88 -30.75
C GLU B 8 -2.02 -1.72 -29.31
N ALA B 9 -2.37 -0.59 -28.71
CA ALA B 9 -2.00 -0.31 -27.33
C ALA B 9 -3.21 0.31 -26.64
N THR B 10 -3.29 0.13 -25.33
CA THR B 10 -4.38 0.72 -24.58
C THR B 10 -3.76 1.58 -23.50
N TYR B 11 -4.23 2.82 -23.38
CA TYR B 11 -3.73 3.73 -22.36
C TYR B 11 -4.89 4.23 -21.51
N ALA B 12 -4.68 4.35 -20.21
CA ALA B 12 -5.73 4.85 -19.34
C ALA B 12 -5.52 6.35 -19.23
N ILE B 13 -6.57 7.11 -19.51
CA ILE B 13 -6.52 8.57 -19.42
C ILE B 13 -7.90 9.00 -18.98
N PRO B 14 -7.98 9.88 -17.99
CA PRO B 14 -9.31 10.28 -17.58
C PRO B 14 -10.00 10.91 -18.79
N MET B 15 -11.27 10.57 -18.98
CA MET B 15 -12.02 11.11 -20.11
C MET B 15 -13.50 11.29 -19.83
N HIS B 16 -13.84 11.55 -18.56
CA HIS B 16 -15.23 11.75 -18.18
C HIS B 16 -15.68 13.20 -18.03
N CYS B 17 -15.17 14.07 -18.88
CA CYS B 17 -15.58 15.46 -18.85
C CYS B 17 -16.30 15.80 -20.15
N GLU B 18 -16.81 17.02 -20.23
CA GLU B 18 -17.55 17.52 -21.40
C GLU B 18 -16.80 17.41 -22.73
N ASN B 19 -15.50 17.72 -22.73
CA ASN B 19 -14.69 17.67 -23.94
C ASN B 19 -13.43 16.83 -23.84
N CYS B 20 -13.25 16.13 -22.73
CA CYS B 20 -12.06 15.31 -22.55
C CYS B 20 -11.63 14.60 -23.82
N VAL B 21 -12.50 13.75 -24.35
CA VAL B 21 -12.18 13.00 -25.58
C VAL B 21 -11.77 13.89 -26.75
N ASN B 22 -12.59 14.90 -27.03
CA ASN B 22 -12.31 15.81 -28.14
C ASN B 22 -10.92 16.41 -28.09
N ASP B 23 -10.45 16.71 -26.88
CA ASP B 23 -9.12 17.27 -26.68
C ASP B 23 -8.02 16.25 -26.94
N ILE B 24 -8.32 15.00 -26.65
CA ILE B 24 -7.37 13.92 -26.88
C ILE B 24 -7.33 13.77 -28.40
N LYS B 25 -8.50 13.63 -29.00
CA LYS B 25 -8.62 13.51 -30.44
C LYS B 25 -7.80 14.63 -31.08
N ALA B 26 -7.97 15.84 -30.54
CA ALA B 26 -7.28 17.02 -31.04
C ALA B 26 -5.77 16.89 -30.82
N CYS B 27 -5.40 16.59 -29.59
CA CYS B 27 -4.01 16.45 -29.20
C CYS B 27 -3.18 15.49 -30.06
N LEU B 28 -3.81 14.48 -30.63
CA LEU B 28 -3.08 13.50 -31.46
C LEU B 28 -3.31 13.66 -32.96
N LYS B 29 -4.26 14.51 -33.33
CA LYS B 29 -4.65 14.77 -34.72
C LYS B 29 -3.50 14.95 -35.71
N ASN B 30 -2.41 15.56 -35.26
CA ASN B 30 -1.28 15.81 -36.15
C ASN B 30 -0.16 14.77 -36.03
N VAL B 31 -0.27 13.87 -35.05
CA VAL B 31 0.75 12.84 -34.86
C VAL B 31 0.74 11.83 -35.99
N PRO B 32 1.72 11.93 -36.90
CA PRO B 32 1.75 10.98 -38.02
C PRO B 32 1.98 9.57 -37.49
N GLY B 33 1.41 8.58 -38.17
CA GLY B 33 1.59 7.21 -37.74
C GLY B 33 0.43 6.56 -36.99
N ILE B 34 -0.59 7.33 -36.64
CA ILE B 34 -1.72 6.78 -35.90
C ILE B 34 -2.90 6.36 -36.80
N ASN B 35 -3.18 5.06 -36.87
CA ASN B 35 -4.27 4.54 -37.69
C ASN B 35 -5.65 4.74 -37.09
N SER B 36 -5.76 4.62 -35.78
CA SER B 36 -7.06 4.79 -35.15
C SER B 36 -7.04 4.96 -33.64
N LEU B 37 -8.08 5.60 -33.13
CA LEU B 37 -8.25 5.81 -31.71
C LEU B 37 -9.61 5.29 -31.32
N ASN B 38 -9.70 4.62 -30.18
CA ASN B 38 -10.98 4.09 -29.72
C ASN B 38 -11.14 4.50 -28.28
N PHE B 39 -12.28 5.12 -27.98
CA PHE B 39 -12.52 5.53 -26.61
C PHE B 39 -13.64 4.74 -25.96
N ASP B 40 -13.26 3.94 -24.98
CA ASP B 40 -14.18 3.14 -24.19
C ASP B 40 -14.41 4.05 -22.99
N ILE B 41 -15.31 5.02 -23.13
CA ILE B 41 -15.55 5.96 -22.04
C ILE B 41 -15.89 5.30 -20.72
N GLU B 42 -16.58 4.17 -20.76
CA GLU B 42 -16.98 3.46 -19.55
C GLU B 42 -15.79 3.17 -18.63
N GLN B 43 -14.82 2.38 -19.13
CA GLN B 43 -13.64 2.04 -18.35
C GLN B 43 -12.52 3.05 -18.54
N GLN B 44 -12.83 4.18 -19.14
CA GLN B 44 -11.86 5.23 -19.39
C GLN B 44 -10.52 4.73 -19.93
N ILE B 45 -10.57 4.07 -21.09
CA ILE B 45 -9.38 3.56 -21.71
C ILE B 45 -9.38 3.90 -23.18
N MET B 46 -8.20 4.25 -23.69
CA MET B 46 -8.01 4.63 -25.07
C MET B 46 -7.20 3.56 -25.80
N SER B 47 -7.83 2.88 -26.75
CA SER B 47 -7.14 1.85 -27.52
C SER B 47 -6.58 2.57 -28.73
N VAL B 48 -5.29 2.39 -28.98
CA VAL B 48 -4.62 3.07 -30.08
C VAL B 48 -3.89 2.16 -31.07
N GLU B 49 -4.24 2.30 -32.35
CA GLU B 49 -3.65 1.52 -33.43
C GLU B 49 -2.63 2.42 -34.11
N SER B 50 -1.38 2.00 -34.20
CA SER B 50 -0.38 2.86 -34.82
C SER B 50 0.98 2.20 -35.06
N SER B 51 1.91 3.00 -35.55
CA SER B 51 3.25 2.56 -35.83
C SER B 51 4.16 3.48 -35.03
N VAL B 52 3.57 4.20 -34.09
CA VAL B 52 4.26 5.15 -33.24
C VAL B 52 4.85 4.57 -31.95
N ALA B 53 5.83 5.27 -31.39
CA ALA B 53 6.46 4.83 -30.14
C ALA B 53 5.52 5.19 -28.98
N PRO B 54 5.29 4.25 -28.04
CA PRO B 54 4.40 4.57 -26.92
C PRO B 54 4.77 5.90 -26.28
N SER B 55 6.07 6.16 -26.17
CA SER B 55 6.55 7.41 -25.58
C SER B 55 5.93 8.62 -26.30
N THR B 56 5.95 8.56 -27.63
CA THR B 56 5.38 9.63 -28.46
C THR B 56 3.95 9.92 -28.04
N ILE B 57 3.14 8.87 -27.97
CA ILE B 57 1.76 9.02 -27.56
C ILE B 57 1.69 9.64 -26.17
N ILE B 58 2.38 9.03 -25.22
CA ILE B 58 2.38 9.49 -23.84
C ILE B 58 2.90 10.91 -23.68
N ASN B 59 3.94 11.27 -24.42
CA ASN B 59 4.49 12.62 -24.33
C ASN B 59 3.68 13.67 -25.06
N THR B 60 3.20 13.35 -26.26
CA THR B 60 2.40 14.32 -26.99
C THR B 60 1.28 14.77 -26.06
N LEU B 61 0.69 13.81 -25.36
CA LEU B 61 -0.40 14.11 -24.44
C LEU B 61 0.08 14.90 -23.22
N ARG B 62 1.27 14.60 -22.70
CA ARG B 62 1.76 15.31 -21.54
C ARG B 62 1.90 16.79 -21.85
N ASN B 63 2.44 17.12 -23.01
CA ASN B 63 2.62 18.50 -23.39
C ASN B 63 1.28 19.15 -23.68
N CYS B 64 0.23 18.48 -23.28
CA CYS B 64 -1.12 18.96 -23.47
C CYS B 64 -1.88 18.75 -22.16
N GLY B 65 -1.13 18.59 -21.08
CA GLY B 65 -1.74 18.40 -19.77
C GLY B 65 -2.35 17.04 -19.53
N LYS B 66 -2.85 16.41 -20.58
CA LYS B 66 -3.46 15.09 -20.48
C LYS B 66 -2.39 14.08 -20.05
N ASP B 67 -2.67 13.35 -18.98
CA ASP B 67 -1.71 12.36 -18.49
C ASP B 67 -2.22 10.93 -18.71
N ALA B 68 -1.55 10.20 -19.62
CA ALA B 68 -1.95 8.83 -19.95
C ALA B 68 -1.03 7.76 -19.39
N ILE B 69 -1.60 6.63 -19.01
CA ILE B 69 -0.82 5.52 -18.45
C ILE B 69 -1.04 4.25 -19.29
N ILE B 70 0.00 3.83 -19.99
CA ILE B 70 -0.09 2.63 -20.83
C ILE B 70 -0.44 1.44 -19.93
N ARG B 71 -1.35 0.59 -20.39
CA ARG B 71 -1.75 -0.58 -19.59
C ARG B 71 -1.55 -1.90 -20.32
N GLY B 72 -1.29 -1.82 -21.63
CA GLY B 72 -1.10 -3.04 -22.39
C GLY B 72 -0.72 -2.73 -23.83
N ALA B 73 -0.03 -3.65 -24.47
CA ALA B 73 0.37 -3.41 -25.85
C ALA B 73 0.67 -4.68 -26.60
N GLY B 74 -0.03 -4.86 -27.72
CA GLY B 74 0.16 -6.02 -28.56
C GLY B 74 -0.63 -7.28 -28.22
N LYS B 75 -0.47 -8.29 -29.08
CA LYS B 75 -1.10 -9.59 -28.90
C LYS B 75 -0.48 -10.13 -27.63
N PRO B 76 -1.12 -11.09 -26.96
CA PRO B 76 -0.44 -11.56 -25.76
C PRO B 76 0.88 -12.19 -26.18
N ASN B 77 1.92 -11.96 -25.37
CA ASN B 77 3.26 -12.47 -25.63
C ASN B 77 3.99 -11.84 -26.80
N SER B 78 3.55 -10.66 -27.21
CA SER B 78 4.22 -10.00 -28.33
C SER B 78 5.00 -8.77 -27.87
N SER B 79 4.86 -8.41 -26.60
CA SER B 79 5.55 -7.23 -26.07
C SER B 79 6.42 -7.50 -24.83
N ALA B 80 7.43 -6.67 -24.63
CA ALA B 80 8.34 -6.80 -23.50
C ALA B 80 8.79 -5.43 -23.02
N VAL B 81 9.32 -5.38 -21.81
CA VAL B 81 9.78 -4.11 -21.24
C VAL B 81 11.12 -4.34 -20.53
N ALA B 82 12.00 -3.34 -20.57
CA ALA B 82 13.31 -3.46 -19.92
C ALA B 82 13.67 -2.13 -19.24
N ILE B 83 13.64 -2.13 -17.91
CA ILE B 83 13.99 -0.93 -17.18
C ILE B 83 15.50 -0.94 -17.07
N LEU B 84 16.12 0.16 -17.49
CA LEU B 84 17.57 0.27 -17.48
C LEU B 84 18.14 1.02 -16.30
N GLU B 85 18.88 0.28 -15.48
CA GLU B 85 19.49 0.83 -14.27
C GLU B 85 20.99 0.60 -14.28
N THR B 86 21.72 1.45 -13.57
CA THR B 86 23.16 1.33 -13.47
C THR B 86 23.42 0.26 -12.40
N PHE B 87 24.60 -0.34 -12.40
CA PHE B 87 24.86 -1.34 -11.37
C PHE B 87 25.99 -0.98 -10.44
N GLN B 88 26.39 0.29 -10.48
CA GLN B 88 27.44 0.83 -9.61
C GLN B 88 27.34 2.34 -9.67
N LYS B 89 27.99 3.01 -8.72
CA LYS B 89 27.91 4.45 -8.71
C LYS B 89 29.17 5.02 -9.36
N TYR B 90 28.97 6.07 -10.15
CA TYR B 90 30.09 6.71 -10.83
C TYR B 90 30.35 8.04 -10.15
N THR B 91 31.59 8.51 -10.29
CA THR B 91 32.00 9.77 -9.71
C THR B 91 31.14 10.90 -10.26
N ILE B 92 30.72 10.76 -11.51
CA ILE B 92 29.90 11.76 -12.18
C ILE B 92 28.41 11.72 -11.81
N ASP B 93 27.96 10.63 -11.20
CA ASP B 93 26.55 10.55 -10.79
C ASP B 93 26.40 11.47 -9.61
N GLN B 94 25.17 11.65 -9.16
CA GLN B 94 24.90 12.48 -8.01
C GLN B 94 24.84 11.58 -6.78
N LYS B 95 25.17 12.15 -5.63
CA LYS B 95 25.20 11.40 -4.39
C LYS B 95 23.88 10.72 -4.00
N LYS B 96 22.78 11.48 -4.06
CA LYS B 96 21.45 10.99 -3.68
C LYS B 96 20.52 10.47 -4.79
N ASP B 97 21.10 10.01 -5.89
CA ASP B 97 20.36 9.50 -7.04
C ASP B 97 19.96 8.02 -6.84
N THR B 98 18.95 7.56 -7.59
CA THR B 98 18.56 6.15 -7.53
C THR B 98 19.32 5.53 -8.71
N ALA B 99 18.94 4.37 -9.20
CA ALA B 99 19.72 3.82 -10.31
C ALA B 99 19.09 3.76 -11.70
N VAL B 100 17.82 4.15 -11.81
CA VAL B 100 17.14 4.14 -13.10
C VAL B 100 17.71 5.19 -14.05
N ARG B 101 17.90 4.82 -15.31
CA ARG B 101 18.43 5.75 -16.30
C ARG B 101 17.64 5.72 -17.59
N GLY B 102 16.91 4.64 -17.82
CA GLY B 102 16.14 4.55 -19.05
C GLY B 102 15.20 3.39 -19.18
N LEU B 103 14.50 3.35 -20.30
CA LEU B 103 13.54 2.30 -20.57
C LEU B 103 13.48 1.86 -22.02
N ALA B 104 13.40 0.55 -22.21
CA ALA B 104 13.30 -0.04 -23.52
C ALA B 104 11.96 -0.76 -23.53
N ARG B 105 11.02 -0.26 -24.32
CA ARG B 105 9.70 -0.87 -24.42
C ARG B 105 9.69 -1.55 -25.78
N ILE B 106 9.56 -2.87 -25.79
CA ILE B 106 9.58 -3.66 -27.02
C ILE B 106 8.19 -4.16 -27.47
N VAL B 107 7.91 -4.05 -28.77
CA VAL B 107 6.64 -4.51 -29.32
C VAL B 107 6.83 -5.18 -30.67
N GLN B 108 6.35 -6.42 -30.79
CA GLN B 108 6.49 -7.14 -32.05
C GLN B 108 5.37 -6.71 -32.98
N VAL B 109 5.73 -6.36 -34.21
CA VAL B 109 4.78 -5.92 -35.21
C VAL B 109 4.75 -6.79 -36.48
N GLY B 110 5.68 -7.73 -36.59
CA GLY B 110 5.72 -8.60 -37.74
C GLY B 110 6.16 -9.98 -37.35
N GLU B 111 5.83 -10.98 -38.18
CA GLU B 111 6.21 -12.35 -37.87
C GLU B 111 7.69 -12.37 -37.50
N ASN B 112 8.41 -11.35 -37.96
CA ASN B 112 9.81 -11.24 -37.63
C ASN B 112 10.26 -9.80 -37.73
N LYS B 113 9.81 -9.00 -36.77
CA LYS B 113 10.16 -7.58 -36.71
C LYS B 113 9.54 -6.91 -35.49
N THR B 114 10.40 -6.40 -34.63
CA THR B 114 9.94 -5.74 -33.42
C THR B 114 10.42 -4.30 -33.33
N LEU B 115 9.61 -3.47 -32.69
CA LEU B 115 9.93 -2.08 -32.51
C LEU B 115 10.59 -1.90 -31.15
N PHE B 116 11.49 -0.92 -31.07
CA PHE B 116 12.17 -0.63 -29.83
C PHE B 116 12.09 0.85 -29.49
N ASP B 117 11.28 1.18 -28.49
CA ASP B 117 11.10 2.55 -28.05
C ASP B 117 12.09 2.76 -26.90
N ILE B 118 13.28 3.20 -27.26
CA ILE B 118 14.35 3.42 -26.29
C ILE B 118 14.41 4.85 -25.79
N THR B 119 14.30 5.00 -24.47
CA THR B 119 14.33 6.31 -23.83
C THR B 119 15.38 6.35 -22.72
N VAL B 120 16.10 7.47 -22.65
CA VAL B 120 17.11 7.66 -21.61
C VAL B 120 16.83 9.05 -21.07
N ASN B 121 16.62 9.15 -19.77
CA ASN B 121 16.32 10.45 -19.18
C ASN B 121 17.19 10.68 -17.95
N GLY B 122 18.13 11.62 -18.04
CA GLY B 122 18.95 11.92 -16.89
C GLY B 122 20.34 11.33 -16.80
N VAL B 123 21.06 11.22 -17.92
CA VAL B 123 22.42 10.71 -17.81
C VAL B 123 23.29 11.91 -17.50
N PRO B 124 24.29 11.73 -16.65
CA PRO B 124 25.20 12.80 -16.25
C PRO B 124 26.22 13.24 -17.30
N GLU B 125 26.52 12.37 -18.26
CA GLU B 125 27.48 12.72 -19.29
C GLU B 125 26.83 12.71 -20.67
N ALA B 126 26.67 13.88 -21.26
CA ALA B 126 26.05 13.95 -22.57
C ALA B 126 26.85 13.14 -23.57
N GLY B 127 26.24 12.81 -24.69
CA GLY B 127 26.92 12.03 -25.71
C GLY B 127 26.05 11.01 -26.42
N ASN B 128 26.68 10.20 -27.27
CA ASN B 128 26.00 9.15 -28.03
C ASN B 128 26.14 7.78 -27.37
N TYR B 129 25.03 7.25 -26.86
CA TYR B 129 25.04 5.94 -26.22
C TYR B 129 24.65 4.83 -27.19
N HIS B 130 25.08 3.61 -26.91
CA HIS B 130 24.78 2.49 -27.80
C HIS B 130 24.00 1.36 -27.13
N ALA B 131 22.90 0.98 -27.75
CA ALA B 131 22.07 -0.09 -27.24
C ALA B 131 22.44 -1.41 -27.90
N SER B 132 22.28 -2.49 -27.16
CA SER B 132 22.58 -3.81 -27.69
C SER B 132 21.96 -4.80 -26.73
N ILE B 133 21.63 -5.98 -27.22
CA ILE B 133 21.05 -7.01 -26.37
C ILE B 133 22.12 -8.04 -26.08
N HIS B 134 22.28 -8.38 -24.80
CA HIS B 134 23.29 -9.37 -24.42
C HIS B 134 22.73 -10.76 -24.21
N GLU B 135 23.63 -11.73 -24.35
CA GLU B 135 23.35 -13.14 -24.20
C GLU B 135 22.48 -13.54 -22.99
N LYS B 136 22.89 -13.13 -21.80
CA LYS B 136 22.17 -13.49 -20.58
C LYS B 136 21.39 -12.39 -19.88
N GLY B 137 20.37 -12.80 -19.14
CA GLY B 137 19.56 -11.86 -18.38
C GLY B 137 19.96 -11.96 -16.92
N ASP B 138 21.27 -12.05 -16.71
CA ASP B 138 21.84 -12.16 -15.37
C ASP B 138 22.51 -10.84 -15.04
N VAL B 139 21.93 -10.08 -14.11
CA VAL B 139 22.52 -8.80 -13.76
C VAL B 139 23.22 -8.85 -12.41
N SER B 140 23.50 -10.06 -11.94
CA SER B 140 24.17 -10.25 -10.65
C SER B 140 25.47 -9.47 -10.53
N LYS B 141 26.26 -9.41 -11.60
CA LYS B 141 27.52 -8.68 -11.57
C LYS B 141 27.53 -7.59 -12.62
N GLY B 142 26.39 -6.92 -12.80
CA GLY B 142 26.30 -5.85 -13.78
C GLY B 142 26.48 -6.38 -15.19
N VAL B 143 26.94 -5.53 -16.11
CA VAL B 143 27.12 -5.94 -17.50
C VAL B 143 28.07 -7.11 -17.68
N GLU B 144 28.90 -7.36 -16.69
CA GLU B 144 29.85 -8.46 -16.79
C GLU B 144 29.20 -9.83 -16.81
N SER B 145 28.22 -10.02 -15.94
CA SER B 145 27.53 -11.28 -15.83
C SER B 145 26.53 -11.55 -16.96
N THR B 146 26.49 -10.67 -17.95
CA THR B 146 25.53 -10.85 -19.04
C THR B 146 26.07 -11.54 -20.27
N GLY B 147 27.34 -11.94 -20.24
CA GLY B 147 27.91 -12.62 -21.40
C GLY B 147 28.07 -11.75 -22.63
N LYS B 148 28.48 -12.38 -23.73
CA LYS B 148 28.69 -11.64 -24.97
C LYS B 148 27.45 -11.08 -25.65
N VAL B 149 27.67 -10.14 -26.56
CA VAL B 149 26.59 -9.48 -27.29
C VAL B 149 25.78 -10.45 -28.12
N TRP B 150 24.46 -10.28 -28.09
CA TRP B 150 23.56 -11.14 -28.82
C TRP B 150 23.12 -10.43 -30.09
N HIS B 151 23.00 -9.12 -30.00
CA HIS B 151 22.60 -8.29 -31.13
C HIS B 151 22.97 -6.85 -30.82
N LYS B 152 23.66 -6.21 -31.74
CA LYS B 152 24.07 -4.83 -31.54
C LYS B 152 23.29 -3.90 -32.44
N PHE B 153 22.58 -2.95 -31.87
CA PHE B 153 21.82 -2.01 -32.68
C PHE B 153 22.80 -1.00 -33.24
N ASP B 154 22.47 -0.37 -34.36
CA ASP B 154 23.39 0.61 -34.93
C ASP B 154 22.99 2.05 -34.71
N GLU B 155 21.71 2.35 -34.76
CA GLU B 155 21.29 3.72 -34.55
C GLU B 155 21.75 4.09 -33.15
N PRO B 156 22.47 5.22 -33.02
CA PRO B 156 22.91 5.59 -31.68
C PRO B 156 21.74 6.18 -30.91
N ILE B 157 21.97 6.47 -29.64
CA ILE B 157 20.95 7.07 -28.81
C ILE B 157 21.57 8.39 -28.41
N GLU B 158 21.23 9.44 -29.14
CA GLU B 158 21.78 10.77 -28.90
C GLU B 158 21.29 11.42 -27.63
N CYS B 159 22.19 11.56 -26.67
CA CYS B 159 21.85 12.17 -25.40
C CYS B 159 22.47 13.53 -25.22
N PHE B 160 21.79 14.53 -25.73
CA PHE B 160 22.26 15.90 -25.63
C PHE B 160 21.17 16.83 -25.15
N ASN B 161 19.92 16.37 -25.21
CA ASN B 161 18.81 17.20 -24.76
C ASN B 161 18.87 17.42 -23.26
N GLU B 162 18.26 18.51 -22.79
CA GLU B 162 18.27 18.81 -21.38
C GLU B 162 17.27 17.92 -20.66
N SER B 163 17.64 17.42 -19.48
CA SER B 163 16.77 16.55 -18.71
C SER B 163 15.88 17.33 -17.75
N ASP B 164 14.62 16.91 -17.66
CA ASP B 164 13.67 17.55 -16.76
C ASP B 164 14.03 17.25 -15.33
N LEU B 165 14.98 16.32 -15.13
CA LEU B 165 15.38 15.95 -13.78
C LEU B 165 16.37 16.93 -13.21
N GLY B 166 17.46 17.17 -13.93
CA GLY B 166 18.47 18.10 -13.45
C GLY B 166 18.75 19.16 -14.49
N LYS B 167 19.12 20.35 -14.03
CA LYS B 167 19.40 21.46 -14.95
C LYS B 167 20.57 21.14 -15.88
N ASN B 168 21.44 20.21 -15.45
CA ASN B 168 22.59 19.82 -16.26
C ASN B 168 22.72 18.31 -16.46
N LEU B 169 21.59 17.64 -16.58
CA LEU B 169 21.57 16.21 -16.85
C LEU B 169 21.11 16.13 -18.30
N TYR B 170 21.22 14.96 -18.91
CA TYR B 170 20.78 14.85 -20.30
C TYR B 170 19.88 13.68 -20.55
N SER B 171 19.21 13.73 -21.68
CA SER B 171 18.28 12.69 -22.09
C SER B 171 18.38 12.43 -23.58
N GLY B 172 17.58 11.50 -24.06
CA GLY B 172 17.57 11.15 -25.46
C GLY B 172 16.54 10.08 -25.71
N LYS B 173 16.33 9.77 -26.98
CA LYS B 173 15.36 8.76 -27.34
C LYS B 173 15.67 8.30 -28.75
N THR B 174 15.25 7.10 -29.07
CA THR B 174 15.51 6.58 -30.41
C THR B 174 14.54 5.43 -30.65
N PHE B 175 13.88 5.45 -31.81
CA PHE B 175 12.88 4.45 -32.18
C PHE B 175 13.40 3.45 -33.21
N LEU B 176 14.12 2.45 -32.74
CA LEU B 176 14.70 1.40 -33.58
C LEU B 176 13.73 0.31 -34.01
N SER B 177 14.23 -0.55 -34.89
CA SER B 177 13.46 -1.67 -35.41
C SER B 177 14.44 -2.78 -35.78
N ALA B 178 14.11 -4.02 -35.40
CA ALA B 178 15.00 -5.14 -35.70
C ALA B 178 14.23 -6.43 -35.98
N PRO B 179 14.82 -7.31 -36.81
CA PRO B 179 14.18 -8.58 -37.17
C PRO B 179 14.29 -9.59 -36.02
N LEU B 180 14.18 -9.11 -34.79
CA LEU B 180 14.27 -9.97 -33.62
C LEU B 180 12.92 -10.24 -33.00
N PRO B 181 12.43 -11.48 -33.11
CA PRO B 181 11.12 -11.78 -32.52
C PRO B 181 11.15 -11.70 -30.98
N THR B 182 10.01 -11.36 -30.39
CA THR B 182 9.90 -11.23 -28.94
C THR B 182 10.28 -12.49 -28.16
N TRP B 183 9.99 -13.66 -28.72
CA TRP B 183 10.32 -14.88 -27.99
C TRP B 183 11.80 -15.12 -27.77
N GLN B 184 12.66 -14.54 -28.58
CA GLN B 184 14.09 -14.73 -28.37
C GLN B 184 14.64 -13.61 -27.51
N LEU B 185 13.85 -12.56 -27.34
CA LEU B 185 14.27 -11.42 -26.55
C LEU B 185 14.04 -11.59 -25.06
N ILE B 186 12.83 -12.00 -24.68
CA ILE B 186 12.53 -12.13 -23.25
C ILE B 186 13.49 -13.09 -22.58
N GLY B 187 13.96 -12.69 -21.41
CA GLY B 187 14.89 -13.52 -20.66
C GLY B 187 16.32 -13.06 -20.81
N ARG B 188 16.56 -12.23 -21.82
CA ARG B 188 17.90 -11.72 -22.05
C ARG B 188 18.05 -10.34 -21.42
N SER B 189 19.09 -9.61 -21.79
CA SER B 189 19.30 -8.31 -21.19
C SER B 189 19.48 -7.19 -22.19
N PHE B 190 18.94 -6.02 -21.86
CA PHE B 190 19.06 -4.87 -22.74
C PHE B 190 20.09 -3.96 -22.08
N VAL B 191 21.12 -3.60 -22.82
CA VAL B 191 22.20 -2.76 -22.29
C VAL B 191 22.45 -1.50 -23.09
N ILE B 192 22.56 -0.37 -22.39
CA ILE B 192 22.85 0.90 -23.02
C ILE B 192 24.09 1.41 -22.30
N SER B 193 25.14 1.66 -23.07
CA SER B 193 26.38 2.14 -22.49
C SER B 193 27.15 3.05 -23.46
N LYS B 194 28.05 3.83 -22.87
CA LYS B 194 28.89 4.75 -23.61
C LYS B 194 30.24 4.67 -22.93
N SER B 195 31.29 4.90 -23.69
CA SER B 195 32.62 4.88 -23.14
C SER B 195 32.74 6.18 -22.34
N LEU B 196 33.18 6.09 -21.08
CA LEU B 196 33.33 7.28 -20.24
C LEU B 196 34.37 8.19 -20.84
N ASN B 197 34.13 9.50 -20.76
CA ASN B 197 35.10 10.45 -21.31
C ASN B 197 36.38 10.46 -20.50
N HIS B 198 36.28 10.22 -19.19
CA HIS B 198 37.45 10.23 -18.31
C HIS B 198 37.49 9.02 -17.38
N PRO B 199 37.60 7.80 -17.94
CA PRO B 199 37.66 6.59 -17.11
C PRO B 199 38.71 6.67 -16.00
N GLU B 200 39.65 7.59 -16.17
CA GLU B 200 40.74 7.86 -15.24
C GLU B 200 40.21 8.26 -13.86
N ASN B 201 39.10 8.99 -13.84
CA ASN B 201 38.51 9.48 -12.60
C ASN B 201 37.65 8.50 -11.79
N GLU B 202 37.39 7.33 -12.36
CA GLU B 202 36.58 6.34 -11.64
C GLU B 202 37.52 5.46 -10.84
N PRO B 203 37.33 5.41 -9.52
CA PRO B 203 38.14 4.60 -8.60
C PRO B 203 37.85 3.12 -8.77
N SER B 204 38.14 2.61 -9.95
CA SER B 204 37.89 1.21 -10.27
C SER B 204 38.17 0.98 -11.73
N SER B 205 38.43 -0.27 -12.10
CA SER B 205 38.72 -0.60 -13.49
C SER B 205 37.58 -0.23 -14.45
N VAL B 206 36.59 0.52 -13.98
CA VAL B 206 35.46 0.91 -14.81
C VAL B 206 35.85 1.67 -16.09
N LYS B 207 35.34 1.20 -17.23
CA LYS B 207 35.63 1.83 -18.52
C LYS B 207 34.39 2.52 -19.10
N ASP B 208 33.26 1.84 -19.09
CA ASP B 208 32.03 2.39 -19.65
C ASP B 208 30.97 2.77 -18.61
N TYR B 209 30.14 3.75 -18.97
CA TYR B 209 29.04 4.16 -18.11
C TYR B 209 27.89 3.37 -18.72
N SER B 210 27.34 2.43 -17.97
CA SER B 210 26.26 1.63 -18.49
C SER B 210 25.12 1.29 -17.55
N PHE B 211 23.93 1.20 -18.13
CA PHE B 211 22.73 0.84 -17.41
C PHE B 211 22.06 -0.24 -18.25
N LEU B 212 21.44 -1.19 -17.57
CA LEU B 212 20.82 -2.32 -18.24
C LEU B 212 19.68 -2.87 -17.40
N GLY B 213 19.09 -3.94 -17.89
CA GLY B 213 17.98 -4.58 -17.21
C GLY B 213 17.59 -5.82 -17.98
N VAL B 214 16.98 -6.78 -17.30
CA VAL B 214 16.54 -8.02 -17.94
C VAL B 214 15.27 -7.77 -18.74
N ILE B 215 15.21 -8.24 -19.97
CA ILE B 215 14.02 -8.06 -20.80
C ILE B 215 12.84 -8.87 -20.25
N ALA B 216 11.87 -8.17 -19.67
CA ALA B 216 10.70 -8.82 -19.07
C ALA B 216 9.45 -8.85 -19.94
N ARG B 217 8.52 -9.72 -19.55
CA ARG B 217 7.26 -9.84 -20.26
C ARG B 217 6.34 -8.71 -19.85
N SER B 218 5.68 -8.11 -20.84
CA SER B 218 4.76 -7.04 -20.58
C SER B 218 3.36 -7.51 -20.98
N ALA B 219 2.34 -7.10 -20.23
CA ALA B 219 0.98 -7.51 -20.56
C ALA B 219 0.57 -6.97 -21.91
N GLY B 220 -0.13 -7.79 -22.67
CA GLY B 220 -0.59 -7.35 -23.98
C GLY B 220 -1.90 -6.62 -23.80
N VAL B 221 -2.34 -5.95 -24.86
CA VAL B 221 -3.59 -5.22 -24.80
C VAL B 221 -4.70 -6.06 -24.14
N TRP B 222 -5.43 -5.44 -23.23
CA TRP B 222 -6.54 -6.12 -22.51
C TRP B 222 -6.14 -7.38 -21.77
N GLU B 223 -4.85 -7.63 -21.60
CA GLU B 223 -4.41 -8.84 -20.92
C GLU B 223 -4.24 -8.74 -19.40
N ASN B 224 -4.08 -7.53 -18.86
CA ASN B 224 -3.91 -7.39 -17.42
C ASN B 224 -4.77 -6.29 -16.83
N ASN B 225 -5.64 -6.67 -15.90
CA ASN B 225 -6.54 -5.71 -15.28
C ASN B 225 -6.30 -5.50 -13.79
N LYS B 226 -5.06 -5.69 -13.36
CA LYS B 226 -4.72 -5.49 -11.96
C LYS B 226 -4.74 -3.99 -11.74
N GLN B 227 -5.48 -3.56 -10.73
CA GLN B 227 -5.62 -2.15 -10.41
C GLN B 227 -4.80 -1.69 -9.21
N VAL B 228 -4.99 -2.35 -8.08
CA VAL B 228 -4.30 -2.00 -6.85
C VAL B 228 -3.51 -3.20 -6.38
N CYS B 229 -2.87 -3.08 -5.22
CA CYS B 229 -2.13 -4.19 -4.66
C CYS B 229 -1.98 -4.10 -3.14
N ALA B 230 -1.67 -5.24 -2.53
CA ALA B 230 -1.56 -5.35 -1.08
C ALA B 230 -0.54 -4.50 -0.36
N CYS B 231 -0.96 -3.97 0.78
CA CYS B 231 -0.09 -3.19 1.64
C CYS B 231 -0.73 -3.14 3.03
N THR B 232 0.00 -2.61 4.01
CA THR B 232 -0.52 -2.53 5.38
C THR B 232 0.04 -1.27 6.02
N GLY B 233 -0.13 -1.14 7.33
CA GLY B 233 0.42 0.01 8.04
C GLY B 233 -0.46 1.22 8.24
N LYS B 234 0.09 2.39 7.96
CA LYS B 234 -0.62 3.66 8.10
C LYS B 234 -0.90 3.91 9.60
N THR B 235 0.04 3.49 10.45
CA THR B 235 -0.05 3.64 11.91
C THR B 235 0.33 5.05 12.35
N VAL B 236 -0.35 5.56 13.36
CA VAL B 236 -0.04 6.90 13.82
C VAL B 236 1.07 6.85 14.87
N TRP B 237 1.10 5.77 15.63
CA TRP B 237 2.13 5.58 16.65
C TRP B 237 3.46 5.29 15.98
N GLU B 238 3.38 4.60 14.85
CA GLU B 238 4.55 4.27 14.06
C GLU B 238 5.04 5.57 13.43
N GLU B 239 4.08 6.35 12.94
CA GLU B 239 4.37 7.61 12.29
C GLU B 239 5.05 8.60 13.23
N ARG B 240 4.65 8.59 14.50
CA ARG B 240 5.26 9.49 15.46
C ARG B 240 6.73 9.13 15.68
N LYS B 241 7.01 7.84 15.87
CA LYS B 241 8.37 7.38 16.08
C LYS B 241 9.30 7.83 14.97
N ASP B 242 8.78 7.87 13.75
CA ASP B 242 9.58 8.30 12.61
C ASP B 242 9.85 9.78 12.69
N ALA B 243 8.88 10.53 13.21
CA ALA B 243 9.00 11.97 13.34
C ALA B 243 9.97 12.36 14.46
N LEU B 244 10.23 11.45 15.37
CA LEU B 244 11.12 11.73 16.49
C LEU B 244 12.28 10.74 16.57
N ALA B 245 12.95 10.49 15.45
CA ALA B 245 14.06 9.54 15.44
C ALA B 245 15.39 10.17 15.92
N VAL C 1 -31.36 13.97 14.35
CA VAL C 1 -30.03 13.38 14.67
C VAL C 1 -28.98 13.85 13.68
N GLN C 2 -27.88 14.36 14.21
CA GLN C 2 -26.81 14.85 13.38
C GLN C 2 -25.49 14.24 13.76
N ALA C 3 -24.56 14.27 12.82
CA ALA C 3 -23.23 13.74 13.04
C ALA C 3 -22.27 14.48 12.12
N VAL C 4 -20.99 14.35 12.40
CA VAL C 4 -20.00 15.00 11.58
C VAL C 4 -18.74 14.17 11.60
N ALA C 5 -18.01 14.17 10.49
CA ALA C 5 -16.76 13.44 10.38
C ALA C 5 -15.72 14.42 9.89
N VAL C 6 -14.62 14.55 10.63
CA VAL C 6 -13.57 15.46 10.23
C VAL C 6 -12.45 14.64 9.61
N LEU C 7 -12.33 14.72 8.29
CA LEU C 7 -11.32 13.95 7.58
C LEU C 7 -9.93 14.55 7.64
N LYS C 8 -8.97 13.73 8.02
CA LYS C 8 -7.58 14.14 8.13
C LYS C 8 -6.70 13.08 7.48
N GLY C 9 -5.42 13.39 7.33
CA GLY C 9 -4.49 12.46 6.71
C GLY C 9 -3.18 13.19 6.50
N ASP C 10 -2.17 12.50 6.01
CA ASP C 10 -0.87 13.12 5.79
C ASP C 10 -0.66 13.32 4.30
N ALA C 11 -1.76 13.53 3.57
CA ALA C 11 -1.72 13.68 2.12
C ALA C 11 -2.21 15.00 1.55
N GLY C 12 -2.33 16.02 2.39
CA GLY C 12 -2.77 17.28 1.85
C GLY C 12 -4.28 17.42 1.76
N VAL C 13 -4.99 16.32 1.58
CA VAL C 13 -6.43 16.39 1.52
C VAL C 13 -7.02 16.45 2.93
N SER C 14 -8.10 17.21 3.08
CA SER C 14 -8.78 17.36 4.37
C SER C 14 -10.23 17.82 4.12
N GLY C 15 -11.08 17.78 5.14
CA GLY C 15 -12.45 18.22 4.95
C GLY C 15 -13.45 17.67 5.95
N VAL C 16 -14.69 18.14 5.89
CA VAL C 16 -15.68 17.65 6.82
C VAL C 16 -16.89 17.08 6.11
N VAL C 17 -17.39 15.96 6.61
CA VAL C 17 -18.58 15.34 6.05
C VAL C 17 -19.59 15.45 7.15
N LYS C 18 -20.83 15.75 6.79
CA LYS C 18 -21.88 15.87 7.81
C LYS C 18 -23.06 14.96 7.48
N PHE C 19 -23.79 14.56 8.51
CA PHE C 19 -24.94 13.67 8.34
C PHE C 19 -26.17 14.16 9.09
N GLU C 20 -27.34 13.94 8.51
CA GLU C 20 -28.61 14.31 9.15
C GLU C 20 -29.69 13.29 8.86
N GLN C 21 -30.37 12.84 9.92
CA GLN C 21 -31.46 11.88 9.79
C GLN C 21 -32.47 12.18 10.88
N ALA C 22 -33.71 12.42 10.46
CA ALA C 22 -34.81 12.75 11.39
C ALA C 22 -35.39 11.51 12.04
N SER C 23 -35.46 10.41 11.29
CA SER C 23 -35.99 9.17 11.83
C SER C 23 -35.41 7.96 11.12
N GLU C 24 -35.21 6.88 11.88
CA GLU C 24 -34.63 5.64 11.35
C GLU C 24 -35.15 5.31 9.96
N SER C 25 -36.45 5.54 9.78
CA SER C 25 -37.14 5.26 8.53
C SER C 25 -36.76 6.19 7.38
N GLU C 26 -36.62 7.48 7.69
CA GLU C 26 -36.29 8.46 6.66
C GLU C 26 -34.85 8.41 6.18
N PRO C 27 -34.56 9.07 5.04
CA PRO C 27 -33.22 9.09 4.48
C PRO C 27 -32.27 10.03 5.24
N THR C 28 -30.98 9.72 5.18
CA THR C 28 -29.99 10.56 5.84
C THR C 28 -29.42 11.50 4.79
N THR C 29 -29.21 12.75 5.16
CA THR C 29 -28.71 13.74 4.23
C THR C 29 -27.22 14.01 4.41
N VAL C 30 -26.41 13.31 3.62
CA VAL C 30 -24.97 13.48 3.67
C VAL C 30 -24.58 14.73 2.87
N SER C 31 -23.65 15.50 3.40
CA SER C 31 -23.16 16.70 2.73
C SER C 31 -21.66 16.77 2.99
N TYR C 32 -20.90 17.27 2.03
CA TYR C 32 -19.45 17.31 2.22
C TYR C 32 -18.70 18.42 1.52
N GLU C 33 -17.46 18.63 1.99
CA GLU C 33 -16.56 19.62 1.44
C GLU C 33 -15.19 19.04 1.74
N ILE C 34 -14.50 18.59 0.70
CA ILE C 34 -13.22 17.96 0.86
C ILE C 34 -12.25 18.63 -0.08
N ALA C 35 -11.17 19.18 0.46
CA ALA C 35 -10.18 19.86 -0.37
C ALA C 35 -8.87 19.08 -0.52
N GLY C 36 -7.97 19.63 -1.33
CA GLY C 36 -6.67 19.02 -1.54
C GLY C 36 -6.65 17.77 -2.39
N ASN C 37 -7.70 17.55 -3.18
CA ASN C 37 -7.80 16.38 -4.04
C ASN C 37 -7.26 16.66 -5.45
N SER C 38 -7.16 15.65 -6.29
CA SER C 38 -6.71 15.87 -7.66
C SER C 38 -7.75 16.76 -8.32
N PRO C 39 -7.30 17.70 -9.18
CA PRO C 39 -8.28 18.58 -9.85
C PRO C 39 -9.07 17.81 -10.91
N ASN C 40 -10.35 18.14 -11.04
CA ASN C 40 -11.22 17.51 -12.03
C ASN C 40 -11.12 15.98 -12.04
N ALA C 41 -11.37 15.34 -10.90
CA ALA C 41 -11.29 13.89 -10.88
C ALA C 41 -12.42 13.29 -10.06
N GLU C 42 -12.55 11.97 -10.12
CA GLU C 42 -13.57 11.30 -9.35
C GLU C 42 -12.85 10.43 -8.32
N ARG C 43 -13.18 10.63 -7.04
CA ARG C 43 -12.55 9.87 -5.97
C ARG C 43 -13.56 9.04 -5.17
N GLY C 44 -13.17 7.81 -4.84
CA GLY C 44 -14.01 6.89 -4.08
C GLY C 44 -14.37 7.46 -2.73
N PHE C 45 -15.58 7.16 -2.27
CA PHE C 45 -16.13 7.68 -1.02
C PHE C 45 -16.83 6.54 -0.27
N HIS C 46 -16.26 6.12 0.86
CA HIS C 46 -16.85 5.01 1.62
C HIS C 46 -16.90 5.13 3.13
N ILE C 47 -17.77 4.31 3.72
CA ILE C 47 -17.89 4.22 5.17
C ILE C 47 -17.40 2.82 5.49
N PHE C 48 -16.35 2.71 6.31
CA PHE C 48 -15.78 1.43 6.71
C PHE C 48 -16.47 0.94 7.97
N GLU C 49 -16.43 -0.36 8.22
CA GLU C 49 -17.09 -0.95 9.37
C GLU C 49 -16.71 -0.41 10.74
N PHE C 50 -15.43 -0.12 10.94
CA PHE C 50 -14.98 0.38 12.23
C PHE C 50 -14.31 1.75 12.14
N GLY C 51 -14.30 2.48 13.24
CA GLY C 51 -13.65 3.78 13.25
C GLY C 51 -12.26 3.60 13.81
N ASP C 52 -11.98 2.36 14.23
CA ASP C 52 -10.69 2.02 14.82
C ASP C 52 -9.56 2.24 13.83
N ALA C 53 -8.69 3.19 14.14
CA ALA C 53 -7.57 3.50 13.28
C ALA C 53 -6.28 3.20 14.02
N THR C 54 -6.40 2.45 15.11
CA THR C 54 -5.23 2.12 15.91
C THR C 54 -4.23 1.39 15.02
N ASN C 55 -4.73 0.75 13.97
CA ASN C 55 -3.83 0.05 13.06
C ASN C 55 -4.21 0.44 11.62
N GLY C 56 -4.50 1.72 11.44
CA GLY C 56 -4.86 2.22 10.13
C GLY C 56 -6.03 1.56 9.43
N CYS C 57 -5.85 1.30 8.13
CA CYS C 57 -6.87 0.69 7.28
C CYS C 57 -7.34 -0.67 7.80
N VAL C 58 -6.38 -1.48 8.23
CA VAL C 58 -6.64 -2.81 8.72
C VAL C 58 -7.63 -2.89 9.87
N SER C 59 -7.44 -2.07 10.89
CA SER C 59 -8.38 -2.11 12.01
C SER C 59 -9.75 -1.51 11.63
N ALA C 60 -9.82 -0.77 10.53
CA ALA C 60 -11.07 -0.17 10.09
C ALA C 60 -11.99 -1.24 9.53
N GLY C 61 -11.40 -2.35 9.11
CA GLY C 61 -12.18 -3.43 8.57
C GLY C 61 -12.58 -3.14 7.12
N PRO C 62 -13.48 -3.93 6.56
CA PRO C 62 -13.97 -3.76 5.18
C PRO C 62 -15.02 -2.66 5.08
N HIS C 63 -15.64 -2.52 3.91
CA HIS C 63 -16.68 -1.52 3.75
C HIS C 63 -17.79 -1.94 4.69
N PHE C 64 -18.47 -0.99 5.31
CA PHE C 64 -19.57 -1.30 6.23
C PHE C 64 -20.63 -2.02 5.41
N ASN C 65 -20.95 -3.26 5.79
CA ASN C 65 -21.89 -4.06 5.04
C ASN C 65 -22.78 -4.94 5.91
N PRO C 66 -23.72 -4.32 6.64
CA PRO C 66 -24.60 -5.09 7.51
C PRO C 66 -25.55 -6.05 6.81
N PHE C 67 -25.72 -5.92 5.49
CA PHE C 67 -26.63 -6.81 4.79
C PHE C 67 -25.89 -7.80 3.89
N LYS C 68 -24.63 -8.04 4.23
CA LYS C 68 -23.76 -8.97 3.53
C LYS C 68 -23.90 -9.08 2.00
N LYS C 69 -23.75 -7.96 1.30
CA LYS C 69 -23.84 -7.98 -0.17
C LYS C 69 -22.52 -7.61 -0.80
N THR C 70 -22.46 -7.57 -2.12
CA THR C 70 -21.22 -7.19 -2.78
C THR C 70 -21.20 -5.69 -3.00
N HIS C 71 -20.05 -5.20 -3.48
CA HIS C 71 -19.84 -3.79 -3.73
C HIS C 71 -20.60 -3.27 -4.97
N GLY C 72 -21.07 -2.03 -4.90
CA GLY C 72 -21.80 -1.46 -6.00
C GLY C 72 -21.90 0.05 -5.91
N ALA C 73 -22.62 0.66 -6.84
CA ALA C 73 -22.79 2.11 -6.84
C ALA C 73 -23.95 2.42 -5.89
N PRO C 74 -24.12 3.70 -5.49
CA PRO C 74 -25.20 4.12 -4.59
C PRO C 74 -26.59 3.92 -5.15
N THR C 75 -26.67 3.83 -6.47
CA THR C 75 -27.95 3.65 -7.16
C THR C 75 -28.25 2.19 -7.45
N ASP C 76 -27.41 1.28 -6.96
CA ASP C 76 -27.64 -0.15 -7.18
C ASP C 76 -28.37 -0.76 -6.00
N GLU C 77 -28.96 -1.94 -6.22
CA GLU C 77 -29.68 -2.62 -5.15
C GLU C 77 -28.69 -3.43 -4.32
N VAL C 78 -27.79 -4.10 -5.03
CA VAL C 78 -26.76 -4.90 -4.38
C VAL C 78 -25.58 -3.98 -4.10
N ARG C 79 -25.46 -3.54 -2.85
CA ARG C 79 -24.37 -2.66 -2.47
C ARG C 79 -24.17 -2.64 -0.97
N HIS C 80 -22.94 -2.35 -0.57
CA HIS C 80 -22.57 -2.24 0.83
C HIS C 80 -23.28 -0.96 1.26
N VAL C 81 -23.80 -0.88 2.47
CA VAL C 81 -24.47 0.36 2.83
C VAL C 81 -23.45 1.48 2.85
N GLY C 82 -22.20 1.12 3.14
CA GLY C 82 -21.14 2.10 3.21
C GLY C 82 -20.62 2.63 1.88
N ASP C 83 -21.27 2.27 0.78
CA ASP C 83 -20.84 2.76 -0.53
C ASP C 83 -21.53 4.07 -0.89
N MET C 84 -20.75 5.11 -1.11
CA MET C 84 -21.27 6.42 -1.47
C MET C 84 -20.75 6.82 -2.84
N GLY C 85 -20.30 5.82 -3.59
CA GLY C 85 -19.78 6.10 -4.92
C GLY C 85 -18.58 7.01 -4.91
N ASN C 86 -18.48 7.89 -5.91
CA ASN C 86 -17.38 8.83 -6.04
C ASN C 86 -17.87 10.26 -5.85
N VAL C 87 -17.01 11.13 -5.31
CA VAL C 87 -17.36 12.54 -5.16
C VAL C 87 -16.64 13.18 -6.33
N LYS C 88 -17.08 14.35 -6.77
CA LYS C 88 -16.41 14.99 -7.91
C LYS C 88 -15.59 16.20 -7.48
N THR C 89 -14.38 16.32 -8.01
CA THR C 89 -13.52 17.44 -7.65
C THR C 89 -13.49 18.48 -8.76
N ASP C 90 -13.33 19.74 -8.38
CA ASP C 90 -13.24 20.81 -9.36
C ASP C 90 -11.78 21.02 -9.74
N GLU C 91 -11.50 22.12 -10.44
CA GLU C 91 -10.14 22.44 -10.87
C GLU C 91 -9.20 22.72 -9.70
N ASN C 92 -9.76 23.14 -8.58
CA ASN C 92 -8.94 23.43 -7.41
C ASN C 92 -8.83 22.21 -6.51
N GLY C 93 -9.24 21.05 -7.04
CA GLY C 93 -9.17 19.83 -6.27
C GLY C 93 -10.15 19.75 -5.11
N VAL C 94 -11.17 20.59 -5.13
CA VAL C 94 -12.16 20.59 -4.05
C VAL C 94 -13.42 19.80 -4.44
N ALA C 95 -14.02 19.16 -3.45
CA ALA C 95 -15.22 18.38 -3.67
C ALA C 95 -16.24 18.86 -2.67
N LYS C 96 -17.32 19.43 -3.18
CA LYS C 96 -18.38 19.95 -2.34
C LYS C 96 -19.69 19.39 -2.88
N GLY C 97 -20.58 18.98 -1.99
CA GLY C 97 -21.85 18.44 -2.44
C GLY C 97 -22.62 17.75 -1.35
N SER C 98 -23.80 17.23 -1.69
CA SER C 98 -24.65 16.50 -0.74
C SER C 98 -25.50 15.46 -1.46
N PHE C 99 -26.26 14.69 -0.71
CA PHE C 99 -27.13 13.67 -1.28
C PHE C 99 -27.91 12.99 -0.18
N LYS C 100 -28.88 12.15 -0.57
CA LYS C 100 -29.70 11.44 0.40
C LYS C 100 -29.60 9.94 0.16
N ASP C 101 -29.31 9.20 1.22
CA ASP C 101 -29.18 7.75 1.10
C ASP C 101 -30.25 7.14 1.97
N SER C 102 -30.75 5.98 1.57
CA SER C 102 -31.79 5.33 2.36
C SER C 102 -31.18 4.28 3.27
N LEU C 103 -30.03 3.76 2.89
CA LEU C 103 -29.35 2.74 3.67
C LEU C 103 -28.54 3.35 4.82
N ILE C 104 -27.83 4.42 4.54
CA ILE C 104 -27.05 5.07 5.59
C ILE C 104 -28.00 5.64 6.62
N LYS C 105 -27.79 5.26 7.88
CA LYS C 105 -28.66 5.74 8.95
C LYS C 105 -27.84 6.16 10.16
N LEU C 106 -28.35 7.17 10.87
CA LEU C 106 -27.68 7.68 12.05
C LEU C 106 -28.35 7.10 13.29
N ILE C 107 -29.48 6.42 13.07
CA ILE C 107 -30.23 5.82 14.17
C ILE C 107 -30.47 4.36 13.88
N GLY C 108 -30.58 3.56 14.92
CA GLY C 108 -30.86 2.15 14.69
C GLY C 108 -29.64 1.28 14.59
N PRO C 109 -29.84 -0.05 14.57
CA PRO C 109 -28.79 -1.06 14.48
C PRO C 109 -27.81 -0.95 13.32
N THR C 110 -28.17 -0.29 12.23
CA THR C 110 -27.20 -0.16 11.13
C THR C 110 -26.62 1.24 11.08
N SER C 111 -26.66 1.92 12.22
CA SER C 111 -26.15 3.29 12.35
C SER C 111 -24.67 3.36 12.01
N VAL C 112 -24.26 4.46 11.37
CA VAL C 112 -22.87 4.65 10.99
C VAL C 112 -22.10 5.46 12.04
N VAL C 113 -22.79 5.90 13.09
CA VAL C 113 -22.10 6.65 14.11
C VAL C 113 -21.00 5.75 14.66
N GLY C 114 -19.83 6.34 14.90
CA GLY C 114 -18.71 5.57 15.42
C GLY C 114 -17.87 4.88 14.36
N ARG C 115 -18.30 4.93 13.11
CA ARG C 115 -17.55 4.30 12.04
C ARG C 115 -16.70 5.28 11.25
N SER C 116 -16.06 4.80 10.18
CA SER C 116 -15.17 5.65 9.39
C SER C 116 -15.62 6.10 8.03
N VAL C 117 -15.40 7.37 7.75
CA VAL C 117 -15.69 7.95 6.45
C VAL C 117 -14.29 8.10 5.85
N VAL C 118 -14.12 7.65 4.62
CA VAL C 118 -12.83 7.76 3.97
C VAL C 118 -12.98 8.15 2.52
N ILE C 119 -12.16 9.08 2.08
CA ILE C 119 -12.13 9.58 0.71
C ILE C 119 -10.86 8.95 0.11
N HIS C 120 -10.99 8.31 -1.05
CA HIS C 120 -9.85 7.63 -1.67
C HIS C 120 -9.01 8.49 -2.63
N ALA C 121 -7.96 7.88 -3.17
CA ALA C 121 -7.03 8.54 -4.08
C ALA C 121 -7.36 8.27 -5.53
N GLY C 122 -8.08 7.17 -5.76
CA GLY C 122 -8.46 6.80 -7.11
C GLY C 122 -9.96 6.86 -7.28
N GLN C 123 -10.46 6.23 -8.35
CA GLN C 123 -11.90 6.23 -8.62
C GLN C 123 -12.52 4.89 -8.33
N ASP C 124 -13.67 4.91 -7.66
CA ASP C 124 -14.40 3.70 -7.34
C ASP C 124 -15.05 3.23 -8.62
N ASP C 125 -14.78 1.99 -9.05
CA ASP C 125 -15.40 1.50 -10.28
C ASP C 125 -16.84 1.01 -10.09
N LEU C 126 -17.41 1.36 -8.95
CA LEU C 126 -18.79 1.01 -8.65
C LEU C 126 -19.11 -0.48 -8.69
N GLY C 127 -18.08 -1.31 -8.66
CA GLY C 127 -18.31 -2.74 -8.67
C GLY C 127 -18.59 -3.31 -10.04
N LYS C 128 -18.69 -2.43 -11.03
CA LYS C 128 -18.96 -2.83 -12.40
C LYS C 128 -17.73 -3.50 -13.02
N GLY C 129 -16.58 -3.32 -12.39
CA GLY C 129 -15.36 -3.93 -12.89
C GLY C 129 -15.52 -5.42 -13.09
N ASP C 130 -14.67 -6.01 -13.90
CA ASP C 130 -14.78 -7.43 -14.16
C ASP C 130 -14.27 -8.26 -12.97
N THR C 131 -13.15 -7.83 -12.39
CA THR C 131 -12.51 -8.50 -11.28
C THR C 131 -13.32 -8.82 -10.05
N GLU C 132 -12.72 -9.65 -9.19
CA GLU C 132 -13.28 -10.08 -7.93
C GLU C 132 -13.04 -8.93 -6.96
N GLU C 133 -11.92 -8.24 -7.16
CA GLU C 133 -11.54 -7.10 -6.35
C GLU C 133 -12.56 -5.96 -6.55
N SER C 134 -13.09 -5.84 -7.76
CA SER C 134 -14.07 -4.80 -8.03
C SER C 134 -15.33 -5.00 -7.20
N LEU C 135 -15.62 -6.25 -6.88
CA LEU C 135 -16.82 -6.56 -6.10
C LEU C 135 -16.61 -6.45 -4.61
N LYS C 136 -15.38 -6.16 -4.20
CA LYS C 136 -15.06 -6.03 -2.80
C LYS C 136 -14.82 -4.56 -2.42
N THR C 137 -13.74 -3.98 -2.93
CA THR C 137 -13.39 -2.60 -2.61
C THR C 137 -13.68 -1.59 -3.71
N GLY C 138 -13.73 -2.06 -4.95
CA GLY C 138 -13.99 -1.16 -6.07
C GLY C 138 -12.73 -0.61 -6.72
N ASN C 139 -11.57 -1.13 -6.33
CA ASN C 139 -10.30 -0.69 -6.89
C ASN C 139 -10.10 0.82 -6.75
N ALA C 140 -10.48 1.38 -5.62
CA ALA C 140 -10.34 2.83 -5.42
C ALA C 140 -8.96 3.28 -4.94
N GLY C 141 -8.05 2.32 -4.75
CA GLY C 141 -6.70 2.63 -4.31
C GLY C 141 -6.57 3.12 -2.88
N PRO C 142 -5.48 3.85 -2.58
CA PRO C 142 -5.12 4.44 -1.28
C PRO C 142 -6.19 5.32 -0.67
N ARG C 143 -5.98 5.70 0.58
CA ARG C 143 -6.94 6.55 1.28
C ARG C 143 -6.23 7.69 2.02
N PRO C 144 -5.98 8.81 1.32
CA PRO C 144 -5.31 9.99 1.83
C PRO C 144 -5.97 10.66 3.02
N ALA C 145 -7.27 10.49 3.18
CA ALA C 145 -7.93 11.12 4.31
C ALA C 145 -9.08 10.28 4.82
N CYS C 146 -9.43 10.45 6.10
CA CYS C 146 -10.55 9.73 6.70
C CYS C 146 -10.89 10.32 8.05
N GLY C 147 -11.97 9.85 8.66
CA GLY C 147 -12.34 10.38 9.95
C GLY C 147 -13.44 9.57 10.61
N VAL C 148 -13.51 9.67 11.93
CA VAL C 148 -14.52 8.96 12.66
C VAL C 148 -15.79 9.83 12.72
N ILE C 149 -16.94 9.18 12.54
CA ILE C 149 -18.22 9.87 12.57
C ILE C 149 -18.71 10.02 14.01
N GLY C 150 -18.93 11.25 14.46
CA GLY C 150 -19.38 11.48 15.82
C GLY C 150 -20.63 12.32 15.95
N LEU C 151 -21.37 12.13 17.04
CA LEU C 151 -22.60 12.90 17.27
C LEU C 151 -22.34 14.39 17.47
N THR C 152 -23.20 15.24 16.91
CA THR C 152 -22.99 16.66 17.06
C THR C 152 -24.23 17.56 17.12
N ASN C 153 -23.94 18.85 17.24
CA ASN C 153 -24.92 19.93 17.31
C ASN C 153 -25.44 20.04 18.74
N THR D 3 -15.20 -11.10 40.29
CA THR D 3 -14.35 -10.20 39.45
C THR D 3 -14.58 -10.50 37.96
N ASN D 4 -15.86 -10.70 37.61
CA ASN D 4 -16.28 -10.99 36.24
C ASN D 4 -15.93 -9.86 35.27
N ASP D 5 -15.00 -9.01 35.68
CA ASP D 5 -14.55 -7.92 34.84
C ASP D 5 -13.70 -8.65 33.82
N THR D 6 -14.16 -9.85 33.49
CA THR D 6 -13.51 -10.75 32.56
C THR D 6 -14.10 -10.57 31.17
N TYR D 7 -13.24 -10.61 30.18
CA TYR D 7 -13.63 -10.46 28.78
C TYR D 7 -12.61 -11.19 27.94
N GLU D 8 -12.85 -11.26 26.63
CA GLU D 8 -11.95 -11.98 25.75
C GLU D 8 -11.33 -11.09 24.67
N ALA D 9 -10.03 -11.27 24.45
CA ALA D 9 -9.30 -10.50 23.45
C ALA D 9 -8.40 -11.42 22.64
N THR D 10 -8.15 -11.04 21.38
CA THR D 10 -7.28 -11.83 20.52
C THR D 10 -6.09 -11.00 20.05
N TYR D 11 -4.91 -11.56 20.22
CA TYR D 11 -3.67 -10.89 19.83
C TYR D 11 -2.91 -11.65 18.76
N ALA D 12 -2.27 -10.93 17.85
CA ALA D 12 -1.46 -11.54 16.81
C ALA D 12 -0.04 -11.53 17.35
N ILE D 13 0.61 -12.69 17.39
CA ILE D 13 1.97 -12.80 17.89
C ILE D 13 2.66 -13.87 17.07
N PRO D 14 3.89 -13.61 16.63
CA PRO D 14 4.57 -14.65 15.83
C PRO D 14 4.82 -15.84 16.77
N MET D 15 4.58 -17.05 16.29
CA MET D 15 4.76 -18.20 17.17
C MET D 15 5.10 -19.52 16.49
N HIS D 16 5.70 -19.46 15.30
CA HIS D 16 6.02 -20.70 14.63
C HIS D 16 7.42 -21.22 14.87
N CYS D 17 7.93 -20.95 16.07
CA CYS D 17 9.26 -21.40 16.45
C CYS D 17 9.12 -22.37 17.62
N GLU D 18 10.11 -23.26 17.76
CA GLU D 18 10.17 -24.25 18.81
C GLU D 18 9.69 -23.75 20.19
N ASN D 19 10.36 -22.71 20.69
CA ASN D 19 10.04 -22.11 21.98
C ASN D 19 9.45 -20.71 21.85
N CYS D 20 8.16 -20.64 21.56
CA CYS D 20 7.49 -19.36 21.43
C CYS D 20 6.26 -19.40 22.27
N VAL D 21 5.52 -20.49 22.13
CA VAL D 21 4.30 -20.66 22.89
C VAL D 21 4.65 -20.87 24.36
N ASN D 22 5.93 -21.08 24.65
CA ASN D 22 6.38 -21.27 26.02
C ASN D 22 6.78 -19.94 26.60
N ASP D 23 7.58 -19.20 25.85
CA ASP D 23 8.04 -17.89 26.26
C ASP D 23 6.87 -16.96 26.55
N ILE D 24 5.85 -16.99 25.68
CA ILE D 24 4.67 -16.15 25.87
C ILE D 24 4.03 -16.56 27.18
N LYS D 25 3.90 -17.87 27.39
CA LYS D 25 3.32 -18.40 28.62
C LYS D 25 4.14 -17.99 29.83
N ALA D 26 5.44 -18.26 29.77
CA ALA D 26 6.34 -17.92 30.87
C ALA D 26 6.22 -16.44 31.19
N CYS D 27 6.22 -15.63 30.14
CA CYS D 27 6.12 -14.19 30.24
C CYS D 27 4.84 -13.69 30.95
N LEU D 28 3.71 -14.31 30.64
CA LEU D 28 2.42 -13.94 31.22
C LEU D 28 2.10 -14.76 32.48
N LYS D 29 3.03 -15.62 32.85
CA LYS D 29 2.89 -16.51 34.01
C LYS D 29 2.41 -15.87 35.31
N ASN D 30 3.04 -14.76 35.71
CA ASN D 30 2.68 -14.08 36.94
C ASN D 30 1.63 -12.99 36.81
N VAL D 31 1.41 -12.49 35.60
CA VAL D 31 0.41 -11.44 35.41
C VAL D 31 -0.94 -11.84 36.01
N PRO D 32 -1.31 -11.22 37.14
CA PRO D 32 -2.59 -11.53 37.79
C PRO D 32 -3.76 -10.96 36.99
N GLY D 33 -4.86 -11.71 36.89
CA GLY D 33 -6.00 -11.23 36.14
C GLY D 33 -6.30 -12.00 34.87
N ILE D 34 -5.36 -12.87 34.48
CA ILE D 34 -5.54 -13.67 33.27
C ILE D 34 -6.14 -15.03 33.61
N ASN D 35 -7.32 -15.32 33.08
CA ASN D 35 -7.95 -16.61 33.35
C ASN D 35 -7.36 -17.71 32.48
N SER D 36 -7.37 -17.52 31.17
CA SER D 36 -6.84 -18.52 30.27
C SER D 36 -6.17 -17.96 29.02
N LEU D 37 -5.33 -18.78 28.40
CA LEU D 37 -4.63 -18.40 27.18
C LEU D 37 -4.79 -19.49 26.13
N ASN D 38 -5.28 -19.13 24.95
CA ASN D 38 -5.41 -20.12 23.89
C ASN D 38 -4.48 -19.73 22.75
N PHE D 39 -3.97 -20.74 22.05
CA PHE D 39 -3.08 -20.49 20.94
C PHE D 39 -3.54 -21.21 19.68
N ASP D 40 -3.96 -20.44 18.68
CA ASP D 40 -4.38 -21.01 17.42
C ASP D 40 -3.14 -20.95 16.56
N ILE D 41 -2.09 -21.64 16.99
CA ILE D 41 -0.82 -21.66 16.30
C ILE D 41 -0.84 -21.51 14.78
N GLU D 42 -1.70 -22.25 14.10
CA GLU D 42 -1.71 -22.13 12.65
C GLU D 42 -2.03 -20.73 12.19
N GLN D 43 -2.92 -20.06 12.91
CA GLN D 43 -3.29 -18.70 12.57
C GLN D 43 -2.54 -17.70 13.44
N GLN D 44 -1.52 -18.19 14.12
CA GLN D 44 -0.71 -17.36 14.99
C GLN D 44 -1.48 -16.30 15.73
N ILE D 45 -2.56 -16.70 16.37
CA ILE D 45 -3.37 -15.78 17.16
C ILE D 45 -3.56 -16.34 18.55
N MET D 46 -3.38 -15.49 19.55
CA MET D 46 -3.53 -15.89 20.94
C MET D 46 -4.81 -15.30 21.52
N SER D 47 -5.60 -16.14 22.17
CA SER D 47 -6.84 -15.68 22.80
C SER D 47 -6.61 -15.60 24.30
N VAL D 48 -6.95 -14.46 24.89
CA VAL D 48 -6.79 -14.25 26.32
C VAL D 48 -8.12 -13.98 26.98
N GLU D 49 -8.43 -14.77 28.01
CA GLU D 49 -9.66 -14.61 28.78
C GLU D 49 -9.18 -13.94 30.04
N SER D 50 -9.48 -12.66 30.23
CA SER D 50 -9.00 -12.01 31.42
C SER D 50 -9.79 -10.79 31.84
N SER D 51 -9.26 -10.12 32.85
CA SER D 51 -9.86 -8.91 33.41
C SER D 51 -8.79 -7.82 33.55
N VAL D 52 -7.74 -7.95 32.75
CA VAL D 52 -6.66 -6.98 32.78
C VAL D 52 -6.82 -6.00 31.61
N ALA D 53 -6.06 -4.91 31.61
CA ALA D 53 -6.13 -3.95 30.52
C ALA D 53 -5.34 -4.49 29.34
N PRO D 54 -5.84 -4.30 28.12
CA PRO D 54 -5.12 -4.79 26.94
C PRO D 54 -3.67 -4.31 26.90
N SER D 55 -3.41 -3.15 27.48
CA SER D 55 -2.05 -2.63 27.51
C SER D 55 -1.13 -3.55 28.34
N THR D 56 -1.65 -4.00 29.49
CA THR D 56 -0.91 -4.89 30.36
C THR D 56 -0.37 -6.09 29.61
N ILE D 57 -1.20 -6.66 28.73
CA ILE D 57 -0.79 -7.83 27.97
C ILE D 57 0.33 -7.47 27.00
N ILE D 58 0.07 -6.45 26.19
CA ILE D 58 1.03 -6.00 25.20
C ILE D 58 2.36 -5.56 25.81
N ASN D 59 2.31 -4.76 26.85
CA ASN D 59 3.54 -4.30 27.48
C ASN D 59 4.36 -5.46 28.02
N THR D 60 3.77 -6.24 28.92
CA THR D 60 4.47 -7.37 29.50
C THR D 60 5.24 -8.12 28.43
N LEU D 61 4.60 -8.36 27.30
CA LEU D 61 5.23 -9.06 26.19
C LEU D 61 6.34 -8.24 25.56
N ARG D 62 6.10 -6.94 25.40
CA ARG D 62 7.13 -6.10 24.79
C ARG D 62 8.43 -6.16 25.57
N ASN D 63 8.35 -6.30 26.89
CA ASN D 63 9.54 -6.38 27.74
C ASN D 63 10.26 -7.70 27.52
N CYS D 64 9.60 -8.64 26.84
CA CYS D 64 10.20 -9.93 26.56
C CYS D 64 10.59 -10.04 25.11
N GLY D 65 10.61 -8.89 24.44
CA GLY D 65 10.99 -8.86 23.04
C GLY D 65 9.93 -9.40 22.11
N LYS D 66 8.84 -9.90 22.66
CA LYS D 66 7.75 -10.44 21.86
C LYS D 66 6.82 -9.28 21.49
N ASP D 67 6.40 -9.22 20.23
CA ASP D 67 5.53 -8.16 19.74
C ASP D 67 4.10 -8.66 19.51
N ALA D 68 3.14 -8.12 20.27
CA ALA D 68 1.74 -8.54 20.12
C ALA D 68 0.82 -7.42 19.64
N ILE D 69 0.07 -7.70 18.59
CA ILE D 69 -0.85 -6.72 18.00
C ILE D 69 -2.28 -7.14 18.31
N ILE D 70 -2.99 -6.36 19.12
CA ILE D 70 -4.37 -6.72 19.46
C ILE D 70 -5.21 -6.70 18.18
N ARG D 71 -6.15 -7.63 18.03
CA ARG D 71 -6.97 -7.68 16.82
C ARG D 71 -8.46 -7.57 17.09
N GLY D 72 -8.88 -8.00 18.27
CA GLY D 72 -10.27 -7.93 18.63
C GLY D 72 -10.42 -7.95 20.14
N ALA D 73 -11.58 -7.55 20.63
CA ALA D 73 -11.81 -7.52 22.06
C ALA D 73 -13.30 -7.49 22.37
N GLY D 74 -13.74 -8.40 23.24
CA GLY D 74 -15.13 -8.44 23.64
C GLY D 74 -16.08 -8.97 22.58
N LYS D 75 -17.36 -9.02 22.94
CA LYS D 75 -18.38 -9.48 22.01
C LYS D 75 -18.63 -8.35 21.03
N PRO D 76 -19.30 -8.65 19.91
CA PRO D 76 -19.56 -7.56 18.96
C PRO D 76 -20.38 -6.49 19.64
N ASN D 77 -19.92 -5.24 19.50
CA ASN D 77 -20.55 -4.05 20.08
C ASN D 77 -20.21 -3.73 21.52
N SER D 78 -19.16 -4.35 22.05
CA SER D 78 -18.79 -4.06 23.42
C SER D 78 -17.46 -3.35 23.41
N SER D 79 -16.85 -3.29 22.23
CA SER D 79 -15.54 -2.67 22.11
C SER D 79 -15.58 -1.32 21.39
N ALA D 80 -14.69 -0.43 21.79
CA ALA D 80 -14.61 0.90 21.22
C ALA D 80 -13.21 1.43 21.50
N VAL D 81 -12.74 2.33 20.64
CA VAL D 81 -11.40 2.87 20.79
C VAL D 81 -11.41 4.37 20.51
N ALA D 82 -10.41 5.08 21.04
CA ALA D 82 -10.32 6.53 20.85
C ALA D 82 -8.86 7.00 20.86
N ILE D 83 -8.37 7.39 19.68
CA ILE D 83 -7.00 7.87 19.53
C ILE D 83 -6.99 9.35 19.90
N LEU D 84 -6.19 9.71 20.90
CA LEU D 84 -6.12 11.08 21.38
C LEU D 84 -5.00 11.92 20.77
N GLU D 85 -5.39 13.00 20.11
CA GLU D 85 -4.43 13.90 19.48
C GLU D 85 -4.67 15.33 19.92
N THR D 86 -3.63 16.13 19.87
CA THR D 86 -3.71 17.53 20.24
C THR D 86 -4.28 18.23 19.02
N PHE D 87 -5.01 19.32 19.22
CA PHE D 87 -5.57 20.02 18.07
C PHE D 87 -4.98 21.40 17.83
N GLN D 88 -3.85 21.65 18.50
CA GLN D 88 -3.12 22.91 18.37
C GLN D 88 -1.68 22.66 18.73
N LYS D 89 -0.81 23.55 18.29
CA LYS D 89 0.60 23.41 18.59
C LYS D 89 0.83 24.08 19.94
N TYR D 90 1.75 23.55 20.72
CA TYR D 90 2.05 24.14 22.02
C TYR D 90 3.52 24.47 22.12
N THR D 91 3.80 25.60 22.75
CA THR D 91 5.16 26.06 22.95
C THR D 91 6.08 24.97 23.52
N ILE D 92 5.52 23.99 24.20
CA ILE D 92 6.36 22.94 24.78
C ILE D 92 6.48 21.64 23.97
N ASP D 93 5.84 21.61 22.80
CA ASP D 93 5.91 20.44 21.93
C ASP D 93 7.06 20.62 20.94
N GLN D 94 7.73 19.53 20.60
CA GLN D 94 8.81 19.59 19.63
C GLN D 94 8.17 19.87 18.27
N LYS D 95 8.75 20.80 17.53
CA LYS D 95 8.22 21.20 16.23
C LYS D 95 8.01 20.04 15.23
N LYS D 96 8.95 19.12 15.17
CA LYS D 96 8.87 17.99 14.23
C LYS D 96 8.00 16.81 14.68
N ASP D 97 7.40 16.93 15.87
CA ASP D 97 6.55 15.87 16.44
C ASP D 97 5.18 15.79 15.76
N THR D 98 4.49 14.66 15.98
CA THR D 98 3.15 14.43 15.41
C THR D 98 2.11 14.92 16.44
N ALA D 99 0.85 14.48 16.33
CA ALA D 99 -0.16 14.97 17.27
C ALA D 99 -0.76 13.97 18.27
N VAL D 100 -0.59 12.68 18.02
CA VAL D 100 -1.12 11.67 18.92
C VAL D 100 -0.38 11.72 20.26
N ARG D 101 -1.11 11.62 21.35
CA ARG D 101 -0.50 11.66 22.68
C ARG D 101 -0.98 10.51 23.55
N GLY D 102 -2.01 9.82 23.12
CA GLY D 102 -2.54 8.74 23.91
C GLY D 102 -3.67 7.97 23.26
N LEU D 103 -4.08 6.90 23.91
CA LEU D 103 -5.13 6.05 23.40
C LEU D 103 -6.07 5.59 24.51
N ALA D 104 -7.35 5.49 24.19
CA ALA D 104 -8.37 5.02 25.13
C ALA D 104 -9.01 3.79 24.52
N ARG D 105 -8.78 2.62 25.11
CA ARG D 105 -9.39 1.39 24.60
C ARG D 105 -10.50 0.97 25.57
N ILE D 106 -11.72 0.94 25.06
CA ILE D 106 -12.91 0.64 25.84
C ILE D 106 -13.54 -0.72 25.55
N VAL D 107 -13.80 -1.50 26.61
CA VAL D 107 -14.46 -2.80 26.44
C VAL D 107 -15.51 -3.08 27.50
N GLN D 108 -16.75 -3.26 27.07
CA GLN D 108 -17.83 -3.55 28.00
C GLN D 108 -17.64 -4.97 28.53
N VAL D 109 -17.79 -5.14 29.83
CA VAL D 109 -17.62 -6.44 30.44
C VAL D 109 -18.86 -6.87 31.25
N GLY D 110 -19.87 -6.01 31.29
CA GLY D 110 -21.09 -6.32 32.02
C GLY D 110 -22.30 -5.62 31.44
N GLU D 111 -23.50 -6.01 31.85
CA GLU D 111 -24.70 -5.38 31.31
C GLU D 111 -24.68 -3.88 31.61
N ASN D 112 -23.91 -3.51 32.64
CA ASN D 112 -23.77 -2.10 33.00
C ASN D 112 -22.38 -1.82 33.56
N LYS D 113 -21.37 -2.47 32.99
CA LYS D 113 -20.00 -2.26 33.43
C LYS D 113 -19.02 -2.36 32.27
N THR D 114 -18.19 -1.33 32.12
CA THR D 114 -17.21 -1.34 31.04
C THR D 114 -15.83 -0.89 31.55
N LEU D 115 -14.78 -1.48 31.01
CA LEU D 115 -13.44 -1.13 31.42
C LEU D 115 -12.83 -0.10 30.49
N PHE D 116 -11.99 0.76 31.04
CA PHE D 116 -11.33 1.77 30.22
C PHE D 116 -9.82 1.63 30.40
N ASP D 117 -9.14 1.27 29.31
CA ASP D 117 -7.70 1.14 29.34
C ASP D 117 -7.14 2.43 28.76
N ILE D 118 -6.90 3.40 29.64
CA ILE D 118 -6.41 4.71 29.25
C ILE D 118 -4.90 4.87 29.37
N THR D 119 -4.21 4.95 28.23
CA THR D 119 -2.76 5.14 28.25
C THR D 119 -2.34 6.45 27.55
N VAL D 120 -1.38 7.12 28.16
CA VAL D 120 -0.83 8.36 27.63
C VAL D 120 0.67 8.11 27.47
N ASN D 121 1.23 8.49 26.34
CA ASN D 121 2.65 8.27 26.13
C ASN D 121 3.27 9.35 25.26
N GLY D 122 4.23 10.06 25.82
CA GLY D 122 4.89 11.10 25.05
C GLY D 122 4.51 12.54 25.37
N VAL D 123 3.90 12.79 26.52
CA VAL D 123 3.55 14.17 26.86
C VAL D 123 4.79 14.89 27.37
N PRO D 124 4.97 16.16 26.97
CA PRO D 124 6.10 17.00 27.34
C PRO D 124 6.18 17.47 28.80
N GLU D 125 5.03 17.58 29.46
CA GLU D 125 4.99 18.06 30.84
C GLU D 125 4.48 16.98 31.79
N ALA D 126 5.36 16.46 32.64
CA ALA D 126 4.99 15.43 33.60
C ALA D 126 3.90 15.97 34.51
N GLY D 127 3.13 15.08 35.14
CA GLY D 127 2.07 15.53 36.03
C GLY D 127 0.83 14.65 36.01
N ASN D 128 -0.21 15.06 36.74
CA ASN D 128 -1.45 14.30 36.80
C ASN D 128 -2.47 14.79 35.79
N TYR D 129 -2.75 13.97 34.78
CA TYR D 129 -3.73 14.35 33.76
C TYR D 129 -5.12 13.86 34.13
N HIS D 130 -6.15 14.51 33.58
CA HIS D 130 -7.55 14.16 33.86
C HIS D 130 -8.38 13.75 32.64
N ALA D 131 -9.12 12.65 32.77
CA ALA D 131 -9.94 12.18 31.66
C ALA D 131 -11.42 12.46 31.88
N SER D 132 -12.16 12.60 30.80
CA SER D 132 -13.59 12.84 30.89
C SER D 132 -14.16 12.63 29.52
N ILE D 133 -15.47 12.40 29.44
CA ILE D 133 -16.10 12.20 28.15
C ILE D 133 -16.99 13.38 27.86
N HIS D 134 -16.90 13.91 26.63
CA HIS D 134 -17.71 15.04 26.25
C HIS D 134 -18.87 14.69 25.33
N GLU D 135 -19.95 15.43 25.53
CA GLU D 135 -21.21 15.33 24.80
C GLU D 135 -21.11 15.04 23.29
N LYS D 136 -20.34 15.84 22.57
CA LYS D 136 -20.21 15.68 21.12
C LYS D 136 -18.88 15.12 20.59
N GLY D 137 -18.99 14.29 19.56
CA GLY D 137 -17.81 13.71 18.96
C GLY D 137 -17.43 14.57 17.78
N ASP D 138 -17.52 15.89 17.98
CA ASP D 138 -17.18 16.87 16.93
C ASP D 138 -15.84 17.49 17.29
N VAL D 139 -14.79 17.11 16.58
CA VAL D 139 -13.48 17.66 16.88
C VAL D 139 -13.06 18.65 15.82
N SER D 140 -14.03 19.30 15.20
CA SER D 140 -13.75 20.26 14.14
C SER D 140 -13.09 21.54 14.63
N LYS D 141 -13.14 21.78 15.93
CA LYS D 141 -12.52 22.97 16.49
C LYS D 141 -11.90 22.62 17.84
N GLY D 142 -11.26 21.46 17.91
CA GLY D 142 -10.65 21.05 19.16
C GLY D 142 -11.69 20.79 20.24
N VAL D 143 -11.26 20.73 21.49
CA VAL D 143 -12.17 20.46 22.59
C VAL D 143 -13.28 21.50 22.69
N GLU D 144 -13.21 22.51 21.83
CA GLU D 144 -14.20 23.57 21.85
C GLU D 144 -15.55 23.16 21.26
N SER D 145 -15.51 22.30 20.24
CA SER D 145 -16.73 21.85 19.59
C SER D 145 -17.27 20.55 20.18
N THR D 146 -16.58 19.99 21.17
CA THR D 146 -17.00 18.74 21.78
C THR D 146 -18.18 18.89 22.73
N GLY D 147 -18.63 20.14 22.94
CA GLY D 147 -19.75 20.37 23.83
C GLY D 147 -19.36 20.30 25.29
N LYS D 148 -20.34 20.17 26.18
CA LYS D 148 -20.09 20.10 27.61
C LYS D 148 -19.74 18.69 28.07
N VAL D 149 -19.24 18.58 29.30
CA VAL D 149 -18.83 17.29 29.84
C VAL D 149 -19.99 16.31 30.04
N TRP D 150 -19.87 15.16 29.40
CA TRP D 150 -20.88 14.12 29.50
C TRP D 150 -20.61 13.17 30.66
N HIS D 151 -19.34 13.01 31.03
CA HIS D 151 -18.96 12.13 32.12
C HIS D 151 -17.57 12.51 32.61
N LYS D 152 -17.37 12.50 33.92
CA LYS D 152 -16.07 12.89 34.45
C LYS D 152 -15.43 11.81 35.32
N PHE D 153 -14.35 11.20 34.84
CA PHE D 153 -13.68 10.20 35.64
C PHE D 153 -12.92 10.97 36.71
N ASP D 154 -12.88 10.46 37.94
CA ASP D 154 -12.16 11.16 38.98
C ASP D 154 -10.78 10.56 39.18
N GLU D 155 -10.59 9.32 38.73
CA GLU D 155 -9.28 8.68 38.86
C GLU D 155 -8.30 9.36 37.91
N PRO D 156 -7.29 10.05 38.45
CA PRO D 156 -6.29 10.76 37.66
C PRO D 156 -5.41 9.85 36.84
N ILE D 157 -4.75 10.43 35.84
CA ILE D 157 -3.84 9.68 35.00
C ILE D 157 -2.45 10.21 35.31
N GLU D 158 -1.71 9.47 36.15
CA GLU D 158 -0.38 9.88 36.55
C GLU D 158 0.69 9.66 35.50
N CYS D 159 1.16 10.75 34.91
CA CYS D 159 2.18 10.66 33.89
C CYS D 159 3.50 11.18 34.42
N PHE D 160 4.26 10.28 35.02
CA PHE D 160 5.55 10.61 35.59
C PHE D 160 6.62 9.63 35.15
N ASN D 161 6.19 8.52 34.56
CA ASN D 161 7.12 7.49 34.11
C ASN D 161 7.86 8.02 32.89
N GLU D 162 9.11 7.60 32.72
CA GLU D 162 9.88 8.06 31.58
C GLU D 162 9.22 7.55 30.32
N SER D 163 9.36 8.30 29.23
CA SER D 163 8.75 7.91 27.98
C SER D 163 9.63 7.15 27.00
N ASP D 164 9.06 6.07 26.49
CA ASP D 164 9.73 5.22 25.52
C ASP D 164 10.09 6.07 24.30
N LEU D 165 9.18 6.96 23.90
CA LEU D 165 9.41 7.83 22.74
C LEU D 165 10.58 8.75 23.02
N GLY D 166 10.50 9.96 22.49
CA GLY D 166 11.57 10.92 22.70
C GLY D 166 12.12 10.87 24.12
N LYS D 167 13.43 11.01 24.26
CA LYS D 167 14.04 11.00 25.58
C LYS D 167 13.43 12.13 26.42
N ASN D 168 13.41 11.93 27.74
CA ASN D 168 12.84 12.88 28.72
C ASN D 168 11.46 13.49 28.39
N LEU D 169 10.56 12.62 27.94
CA LEU D 169 9.17 12.97 27.66
C LEU D 169 8.49 12.08 28.70
N TYR D 170 7.18 12.21 28.87
CA TYR D 170 6.55 11.38 29.88
C TYR D 170 5.35 10.59 29.43
N SER D 171 5.06 9.54 30.18
CA SER D 171 3.95 8.65 29.89
C SER D 171 3.24 8.22 31.17
N GLY D 172 2.07 7.63 31.00
CA GLY D 172 1.28 7.19 32.13
C GLY D 172 0.18 6.26 31.65
N LYS D 173 -0.57 5.68 32.57
CA LYS D 173 -1.64 4.76 32.21
C LYS D 173 -2.50 4.46 33.42
N THR D 174 -3.79 4.34 33.21
CA THR D 174 -4.69 4.01 34.29
C THR D 174 -5.77 3.11 33.72
N PHE D 175 -6.15 2.09 34.49
CA PHE D 175 -7.18 1.13 34.10
C PHE D 175 -8.41 1.44 34.94
N LEU D 176 -9.48 1.89 34.28
CA LEU D 176 -10.71 2.26 34.98
C LEU D 176 -11.87 1.32 34.80
N SER D 177 -12.96 1.71 35.44
CA SER D 177 -14.19 0.97 35.41
C SER D 177 -15.30 1.94 35.73
N ALA D 178 -16.35 1.93 34.91
CA ALA D 178 -17.48 2.82 35.13
C ALA D 178 -18.76 2.22 34.52
N PRO D 179 -19.92 2.64 35.02
CA PRO D 179 -21.22 2.15 34.53
C PRO D 179 -21.65 2.85 33.25
N LEU D 180 -20.92 2.60 32.16
CA LEU D 180 -21.24 3.22 30.88
C LEU D 180 -21.24 2.20 29.74
N PRO D 181 -22.40 1.62 29.41
CA PRO D 181 -22.39 0.66 28.31
C PRO D 181 -21.90 1.30 27.03
N THR D 182 -20.98 0.61 26.37
CA THR D 182 -20.37 1.08 25.15
C THR D 182 -21.30 1.76 24.16
N TRP D 183 -22.48 1.19 23.93
CA TRP D 183 -23.37 1.78 22.95
C TRP D 183 -23.66 3.26 23.22
N GLN D 184 -23.48 3.69 24.47
CA GLN D 184 -23.71 5.09 24.86
C GLN D 184 -22.47 5.96 24.69
N LEU D 185 -21.35 5.35 24.30
CA LEU D 185 -20.11 6.08 24.13
C LEU D 185 -19.74 6.33 22.69
N ILE D 186 -19.92 5.32 21.84
CA ILE D 186 -19.58 5.47 20.44
C ILE D 186 -20.15 6.76 19.91
N GLY D 187 -19.32 7.50 19.20
CA GLY D 187 -19.76 8.77 18.64
C GLY D 187 -19.48 9.99 19.47
N ARG D 188 -19.18 9.80 20.76
CA ARG D 188 -18.87 10.95 21.61
C ARG D 188 -17.36 11.16 21.58
N SER D 189 -16.84 11.99 22.47
CA SER D 189 -15.41 12.22 22.47
C SER D 189 -14.74 11.97 23.81
N PHE D 190 -13.49 11.51 23.75
CA PHE D 190 -12.70 11.23 24.94
C PHE D 190 -11.67 12.35 25.01
N VAL D 191 -11.53 12.98 26.17
CA VAL D 191 -10.61 14.10 26.33
C VAL D 191 -9.75 14.02 27.57
N ILE D 192 -8.44 14.08 27.40
CA ILE D 192 -7.54 14.07 28.54
C ILE D 192 -6.86 15.44 28.50
N SER D 193 -6.96 16.21 29.59
CA SER D 193 -6.31 17.50 29.59
C SER D 193 -5.69 17.83 30.93
N LYS D 194 -4.61 18.60 30.91
CA LYS D 194 -3.95 19.01 32.14
C LYS D 194 -3.75 20.52 32.09
N SER D 195 -3.80 21.13 33.26
CA SER D 195 -3.60 22.55 33.36
C SER D 195 -2.10 22.79 33.10
N LEU D 196 -1.78 23.63 32.10
CA LEU D 196 -0.37 23.92 31.80
C LEU D 196 0.36 24.51 33.00
N ASN D 197 1.56 24.00 33.29
CA ASN D 197 2.33 24.52 34.42
C ASN D 197 2.68 25.99 34.20
N HIS D 198 3.06 26.33 32.97
CA HIS D 198 3.46 27.70 32.65
C HIS D 198 2.65 28.35 31.55
N PRO D 199 1.38 28.68 31.83
CA PRO D 199 0.56 29.32 30.80
C PRO D 199 1.12 30.60 30.17
N GLU D 200 2.09 31.25 30.83
CA GLU D 200 2.66 32.48 30.30
C GLU D 200 3.49 32.27 29.04
N ASN D 201 4.11 31.09 28.92
CA ASN D 201 4.92 30.80 27.74
C ASN D 201 4.08 30.48 26.52
N GLU D 202 2.78 30.28 26.73
CA GLU D 202 1.87 29.98 25.64
C GLU D 202 1.12 31.26 25.29
N PRO D 203 1.81 32.26 24.74
CA PRO D 203 1.06 33.47 24.40
C PRO D 203 -0.09 33.08 23.49
N SER D 204 -1.31 33.16 24.02
CA SER D 204 -2.52 32.82 23.30
C SER D 204 -3.66 32.34 24.21
N SER D 205 -3.85 33.00 25.34
CA SER D 205 -4.92 32.64 26.29
C SER D 205 -5.12 31.14 26.56
N VAL D 206 -4.10 30.33 26.27
CA VAL D 206 -4.19 28.89 26.50
C VAL D 206 -3.89 28.55 27.97
N LYS D 207 -4.70 27.68 28.56
CA LYS D 207 -4.48 27.34 29.96
C LYS D 207 -4.23 25.85 30.15
N ASP D 208 -4.85 25.03 29.32
CA ASP D 208 -4.69 23.58 29.45
C ASP D 208 -4.13 22.90 28.23
N TYR D 209 -3.32 21.86 28.48
CA TYR D 209 -2.72 21.05 27.43
C TYR D 209 -3.72 19.91 27.26
N SER D 210 -4.27 19.74 26.05
CA SER D 210 -5.23 18.67 25.88
C SER D 210 -5.23 17.98 24.53
N PHE D 211 -5.48 16.67 24.57
CA PHE D 211 -5.55 15.84 23.38
C PHE D 211 -6.83 15.01 23.49
N LEU D 212 -7.54 14.88 22.37
CA LEU D 212 -8.80 14.18 22.37
C LEU D 212 -9.03 13.39 21.10
N GLY D 213 -10.15 12.70 21.05
CA GLY D 213 -10.49 11.89 19.89
C GLY D 213 -11.92 11.41 19.95
N VAL D 214 -12.49 11.11 18.79
CA VAL D 214 -13.86 10.60 18.73
C VAL D 214 -13.85 9.11 19.10
N ILE D 215 -14.76 8.70 19.98
CA ILE D 215 -14.83 7.29 20.37
C ILE D 215 -15.39 6.48 19.20
N ALA D 216 -14.55 5.62 18.63
CA ALA D 216 -14.95 4.82 17.49
C ALA D 216 -15.27 3.38 17.82
N ARG D 217 -15.98 2.72 16.91
CA ARG D 217 -16.29 1.31 17.09
C ARG D 217 -15.03 0.52 16.83
N SER D 218 -14.84 -0.53 17.62
CA SER D 218 -13.68 -1.40 17.52
C SER D 218 -14.15 -2.82 17.31
N ALA D 219 -13.40 -3.62 16.56
CA ALA D 219 -13.77 -5.00 16.31
C ALA D 219 -13.65 -5.87 17.56
N GLY D 220 -14.61 -6.79 17.72
CA GLY D 220 -14.59 -7.70 18.84
C GLY D 220 -13.83 -8.91 18.38
N VAL D 221 -13.50 -9.84 19.27
CA VAL D 221 -12.73 -11.01 18.88
C VAL D 221 -13.33 -11.70 17.67
N TRP D 222 -12.46 -12.17 16.78
CA TRP D 222 -12.85 -12.87 15.56
C TRP D 222 -13.86 -12.15 14.66
N GLU D 223 -13.95 -10.83 14.78
CA GLU D 223 -14.91 -10.07 14.01
C GLU D 223 -14.34 -9.33 12.80
N ASN D 224 -13.01 -9.33 12.65
CA ASN D 224 -12.37 -8.63 11.54
C ASN D 224 -11.18 -9.40 10.95
N ASN D 225 -11.39 -10.00 9.78
CA ASN D 225 -10.35 -10.79 9.11
C ASN D 225 -9.36 -9.95 8.31
N LYS D 226 -9.71 -8.70 8.05
CA LYS D 226 -8.86 -7.81 7.25
C LYS D 226 -7.39 -7.88 7.64
N GLN D 227 -6.51 -7.84 6.64
CA GLN D 227 -5.09 -7.91 6.92
C GLN D 227 -4.22 -7.01 6.04
N VAL D 228 -4.78 -6.60 4.92
CA VAL D 228 -4.07 -5.72 4.00
C VAL D 228 -5.07 -4.75 3.43
N CYS D 229 -4.62 -3.93 2.49
CA CYS D 229 -5.52 -2.98 1.85
C CYS D 229 -4.93 -2.35 0.59
N ALA D 230 -5.82 -1.94 -0.30
CA ALA D 230 -5.44 -1.35 -1.58
C ALA D 230 -4.45 -0.20 -1.51
N CYS D 231 -3.44 -0.29 -2.36
CA CYS D 231 -2.43 0.75 -2.49
C CYS D 231 -1.95 0.58 -3.92
N THR D 232 -1.00 1.41 -4.35
CA THR D 232 -0.49 1.30 -5.70
C THR D 232 0.99 1.60 -5.76
N GLY D 233 1.30 2.86 -6.07
CA GLY D 233 2.67 3.38 -6.17
C GLY D 233 3.78 2.43 -6.60
N LYS D 234 4.95 2.65 -5.99
CA LYS D 234 6.17 1.87 -6.21
C LYS D 234 6.81 2.02 -7.61
N THR D 235 6.76 3.24 -8.18
CA THR D 235 7.38 3.49 -9.50
C THR D 235 8.82 3.91 -9.34
N VAL D 236 9.73 3.09 -9.86
CA VAL D 236 11.16 3.38 -9.78
C VAL D 236 11.49 4.75 -10.36
N TRP D 237 10.57 5.29 -11.17
CA TRP D 237 10.75 6.60 -11.77
C TRP D 237 10.37 7.72 -10.83
N GLU D 238 9.52 7.42 -9.86
CA GLU D 238 9.13 8.40 -8.87
C GLU D 238 10.21 8.36 -7.82
N GLU D 239 10.64 7.14 -7.48
CA GLU D 239 11.68 6.98 -6.50
C GLU D 239 12.80 7.94 -6.85
N ARG D 240 13.13 8.04 -8.13
CA ARG D 240 14.21 8.92 -8.56
C ARG D 240 13.84 10.39 -8.57
N LYS D 241 12.73 10.71 -9.21
CA LYS D 241 12.29 12.10 -9.29
C LYS D 241 12.18 12.71 -7.89
N ASP D 242 11.97 11.89 -6.87
CA ASP D 242 11.88 12.40 -5.51
C ASP D 242 13.21 12.38 -4.80
N ALA D 243 14.10 11.49 -5.22
CA ALA D 243 15.41 11.38 -4.61
C ALA D 243 16.24 12.58 -5.05
N LEU D 244 15.81 13.23 -6.12
CA LEU D 244 16.50 14.39 -6.65
C LEU D 244 15.71 15.64 -6.24
N ALA D 245 15.68 15.93 -4.94
CA ALA D 245 14.96 17.09 -4.40
C ALA D 245 15.57 18.45 -4.81
ZN ZN E . -0.93 -17.45 -5.58
S SO4 F . 0.23 -8.01 -4.64
O1 SO4 F . 0.74 -8.16 -3.26
O2 SO4 F . 0.25 -9.32 -5.31
O3 SO4 F . -1.16 -7.49 -4.59
O4 SO4 F . 1.08 -7.10 -5.40
ZN ZN G . -17.28 9.35 -14.35
ZN ZN H . -18.36 -1.39 -1.00
S SO4 I . -9.12 -0.62 1.39
O1 SO4 I . -8.67 -1.96 0.95
O2 SO4 I . -10.39 -0.28 0.71
O3 SO4 I . -9.35 -0.61 2.84
O4 SO4 I . -8.12 0.40 1.06
ZN ZN J . 4.99 -21.27 10.13
#